data_8RTQ
#
_entry.id   8RTQ
#
_cell.length_a   136.215
_cell.length_b   200.681
_cell.length_c   216.615
_cell.angle_alpha   90.000
_cell.angle_beta   90.000
_cell.angle_gamma   90.000
#
_symmetry.space_group_name_H-M   'F 2 2 2'
#
loop_
_entity.id
_entity.type
_entity.pdbx_description
1 polymer 'Bilirubin oxidase'
2 branched alpha-D-mannopyranose-(1-3)-beta-D-mannopyranose-(1-4)-2-acetamido-2-deoxy-beta-D-glucopyranose-(1-4)-2-acetamido-2-deoxy-beta-D-glucopyranose
3 branched 2-acetamido-2-deoxy-beta-D-glucopyranose-(1-4)-2-acetamido-2-deoxy-beta-D-glucopyranose
4 branched beta-D-mannopyranose-(1-4)-2-acetamido-2-deoxy-beta-D-glucopyranose-(1-4)-2-acetamido-2-deoxy-beta-D-glucopyranose
5 non-polymer 'COPPER (II) ION'
6 non-polymer 'OXYGEN MOLECULE'
7 non-polymer GLYCEROL
8 non-polymer 'SUCCINIC ACID'
9 non-polymer 'CHLORIDE ION'
10 water water
#
_entity_poly.entity_id   1
_entity_poly.type   'polypeptide(L)'
_entity_poly.pdbx_seq_one_letter_code
;VAQISPQYPMFTVPLPIPPVKQPRLTVTNPVNGQEIWYYEVEIKPFTHQVYPDLGSADLVGYDG(SME)SPGPTFQVPRG
VETVVRFINNAEAPNSVHLHGSFSRAAFDGWAEDITEPGSFKDYYYPNRQSARTLWYHDHAMHITAENAYRGQAGLYMLT
DPAEDALNLPSGYGEFDIPMILTSKQYTANGNLVTTNGELNSFWGDVIHVNGQPWPFKNVEPRKYRFRFLDAAVSRSFGL
YFADTDAIDTRLPFKVIASDSGLLEHPADTSLLYISMAERYEVVFDFSDYAGKTIELRNLGGSIGGIGTDTDYDNTDKVM
RFVVADDTTQPDTSVVPANLRDVPFPSPTTNTPRQFRFGRTGPTWTINGVAFADVQNRLLANVPVGTVERWELINAGNTW
THPIHIHLVDFKVISRTSGNNARTVMPYESGLKDVVWLGRRETVVVEAHYAPFPGVYMFHCHNLIHEDHDMMAAFNATVL
PDYGYNATVFVDPMEELWQARPYELGEFQAQSGQFSVQAVTERIQTMAEYRPYAAADE
;
_entity_poly.pdbx_strand_id   AAA,BBB
#
loop_
_chem_comp.id
_chem_comp.type
_chem_comp.name
_chem_comp.formula
BMA D-saccharide, beta linking beta-D-mannopyranose 'C6 H12 O6'
CL non-polymer 'CHLORIDE ION' 'Cl -1'
CU non-polymer 'COPPER (II) ION' 'Cu 2'
GOL non-polymer GLYCEROL 'C3 H8 O3'
MAN D-saccharide, alpha linking alpha-D-mannopyranose 'C6 H12 O6'
NAG D-saccharide, beta linking 2-acetamido-2-deoxy-beta-D-glucopyranose 'C8 H15 N O6'
OXY non-polymer 'OXYGEN MOLECULE' O2
SIN non-polymer 'SUCCINIC ACID' 'C4 H6 O4'
#
# COMPACT_ATOMS: atom_id res chain seq x y z
N VAL A 1 1.39 -24.68 -30.12
CA VAL A 1 0.50 -25.88 -30.13
C VAL A 1 -0.64 -25.67 -29.12
N ALA A 2 -1.67 -26.50 -29.19
CA ALA A 2 -2.92 -26.29 -28.42
C ALA A 2 -2.57 -26.09 -26.93
N GLN A 3 -3.13 -25.07 -26.31
CA GLN A 3 -3.09 -24.94 -24.83
C GLN A 3 -3.62 -26.24 -24.20
N ILE A 4 -2.94 -26.75 -23.18
CA ILE A 4 -3.42 -27.92 -22.39
C ILE A 4 -4.26 -27.44 -21.21
N SER A 5 -3.81 -26.42 -20.48
CA SER A 5 -4.49 -25.89 -19.28
C SER A 5 -5.86 -25.37 -19.69
N PRO A 6 -6.85 -25.31 -18.78
CA PRO A 6 -8.15 -24.74 -19.11
C PRO A 6 -8.08 -23.29 -19.65
N GLN A 7 -9.09 -22.91 -20.44
CA GLN A 7 -9.22 -21.52 -20.96
C GLN A 7 -9.32 -20.58 -19.75
N TYR A 8 -8.57 -19.47 -19.80
CA TYR A 8 -8.45 -18.47 -18.71
C TYR A 8 -9.06 -17.13 -19.17
N PRO A 9 -9.76 -16.38 -18.28
CA PRO A 9 -10.29 -15.06 -18.62
C PRO A 9 -9.20 -13.97 -18.72
N MET A 10 -8.59 -13.89 -19.89
CA MET A 10 -7.35 -13.12 -20.20
C MET A 10 -7.53 -11.62 -19.89
N PHE A 11 -6.61 -11.06 -19.11
CA PHE A 11 -6.44 -9.61 -18.94
C PHE A 11 -7.62 -9.04 -18.13
N THR A 12 -8.17 -9.81 -17.19
CA THR A 12 -9.34 -9.40 -16.39
C THR A 12 -8.96 -9.13 -14.91
N VAL A 13 -7.82 -9.60 -14.44
CA VAL A 13 -7.42 -9.48 -13.02
C VAL A 13 -6.24 -8.52 -12.93
N PRO A 14 -6.26 -7.57 -12.00
CA PRO A 14 -5.16 -6.62 -11.86
C PRO A 14 -3.86 -7.29 -11.42
N LEU A 15 -2.76 -6.75 -11.90
CA LEU A 15 -1.39 -7.18 -11.54
C LEU A 15 -1.26 -7.05 -10.03
N PRO A 16 -1.00 -8.15 -9.29
CA PRO A 16 -0.77 -8.06 -7.86
C PRO A 16 0.65 -7.54 -7.66
N ILE A 17 0.86 -6.82 -6.56
CA ILE A 17 2.20 -6.36 -6.11
C ILE A 17 2.49 -7.07 -4.80
N PRO A 18 3.56 -7.89 -4.72
CA PRO A 18 3.87 -8.51 -3.44
C PRO A 18 4.12 -7.43 -2.38
N PRO A 19 3.63 -7.64 -1.15
CA PRO A 19 3.83 -6.67 -0.07
C PRO A 19 5.31 -6.66 0.36
N VAL A 20 5.76 -5.56 0.93
CA VAL A 20 7.16 -5.45 1.41
C VAL A 20 7.26 -6.15 2.76
N LYS A 21 8.21 -7.06 2.89
CA LYS A 21 8.51 -7.75 4.16
C LYS A 21 9.15 -6.76 5.13
N GLN A 22 8.61 -6.68 6.35
CA GLN A 22 9.17 -5.85 7.44
C GLN A 22 9.93 -6.74 8.43
N PRO A 23 11.09 -6.29 8.93
CA PRO A 23 11.84 -7.05 9.92
C PRO A 23 11.09 -7.02 11.24
N ARG A 24 11.23 -8.07 12.04
CA ARG A 24 10.58 -8.19 13.37
C ARG A 24 11.32 -7.31 14.37
N LEU A 25 12.63 -7.22 14.28
CA LEU A 25 13.56 -6.76 15.36
CA LEU A 25 13.39 -6.38 15.23
C LEU A 25 14.78 -6.11 14.69
N THR A 26 15.51 -5.26 15.41
CA THR A 26 16.90 -4.90 15.04
C THR A 26 17.74 -5.31 16.22
N VAL A 27 18.92 -5.84 15.95
CA VAL A 27 19.88 -6.29 16.99
C VAL A 27 21.18 -5.51 16.78
N THR A 28 21.70 -4.95 17.86
CA THR A 28 23.01 -4.26 17.86
C THR A 28 24.10 -5.29 17.64
N ASN A 29 24.88 -5.10 16.57
CA ASN A 29 26.08 -5.89 16.25
C ASN A 29 27.16 -5.39 17.18
N PRO A 30 27.66 -6.18 18.17
CA PRO A 30 28.64 -5.68 19.12
C PRO A 30 30.01 -5.42 18.47
N VAL A 31 30.26 -5.93 17.29
CA VAL A 31 31.51 -5.66 16.55
C VAL A 31 31.58 -4.19 16.07
N ASN A 32 30.50 -3.63 15.52
CA ASN A 32 30.54 -2.32 14.81
C ASN A 32 29.50 -1.32 15.35
N GLY A 33 28.70 -1.70 16.35
CA GLY A 33 27.65 -0.86 16.94
C GLY A 33 26.45 -0.64 16.02
N GLN A 34 26.47 -1.25 14.84
CA GLN A 34 25.39 -1.07 13.84
C GLN A 34 24.23 -2.02 14.11
N GLU A 35 23.03 -1.63 13.67
CA GLU A 35 21.80 -2.45 13.73
C GLU A 35 21.81 -3.48 12.60
N ILE A 36 21.57 -4.74 12.96
CA ILE A 36 21.22 -5.85 12.03
C ILE A 36 19.70 -6.02 12.02
N TRP A 37 19.09 -5.99 10.84
CA TRP A 37 17.62 -6.19 10.68
C TRP A 37 17.35 -7.68 10.72
N TYR A 38 16.53 -8.13 11.67
CA TYR A 38 16.14 -9.56 11.86
C TYR A 38 14.71 -9.75 11.39
N TYR A 39 14.54 -10.70 10.48
CA TYR A 39 13.25 -11.06 9.84
C TYR A 39 12.93 -12.54 10.12
N GLU A 40 11.64 -12.86 10.19
CA GLU A 40 11.11 -14.25 10.29
C GLU A 40 10.23 -14.49 9.06
N VAL A 41 10.51 -15.56 8.31
CA VAL A 41 9.68 -16.01 7.16
C VAL A 41 9.23 -17.46 7.42
N GLU A 42 7.93 -17.69 7.41
CA GLU A 42 7.34 -19.03 7.63
C GLU A 42 7.03 -19.63 6.26
N ILE A 43 7.71 -20.70 5.89
CA ILE A 43 7.38 -21.51 4.67
C ILE A 43 6.22 -22.40 5.04
N LYS A 44 5.08 -22.27 4.36
CA LYS A 44 3.86 -23.04 4.71
C LYS A 44 2.98 -23.26 3.48
N PRO A 45 2.18 -24.34 3.50
CA PRO A 45 1.18 -24.60 2.47
C PRO A 45 0.00 -23.62 2.54
N PHE A 46 -0.57 -23.37 1.37
CA PHE A 46 -1.79 -22.54 1.24
C PHE A 46 -2.45 -22.91 -0.10
N THR A 47 -3.70 -22.53 -0.29
CA THR A 47 -4.41 -22.70 -1.57
C THR A 47 -4.72 -21.32 -2.09
N HIS A 48 -4.87 -21.21 -3.39
CA HIS A 48 -5.19 -19.96 -4.09
C HIS A 48 -6.06 -20.31 -5.27
N GLN A 49 -7.15 -19.58 -5.44
CA GLN A 49 -8.12 -19.78 -6.54
CA GLN A 49 -8.08 -19.84 -6.57
C GLN A 49 -7.58 -19.04 -7.77
N VAL A 50 -6.86 -19.71 -8.66
CA VAL A 50 -6.25 -19.05 -9.84
C VAL A 50 -7.35 -18.88 -10.90
N TYR A 51 -8.09 -19.95 -11.19
CA TYR A 51 -9.23 -19.94 -12.15
C TYR A 51 -10.51 -19.61 -11.40
N PRO A 52 -11.18 -18.49 -11.73
CA PRO A 52 -12.42 -18.07 -11.07
C PRO A 52 -13.48 -19.16 -10.95
N ASP A 53 -13.64 -20.03 -11.95
CA ASP A 53 -14.85 -20.90 -11.94
C ASP A 53 -14.47 -22.36 -11.68
N LEU A 54 -13.24 -22.66 -11.21
CA LEU A 54 -12.82 -24.05 -10.95
C LEU A 54 -12.36 -24.16 -9.50
N GLY A 55 -11.67 -25.23 -9.12
CA GLY A 55 -11.15 -25.43 -7.77
C GLY A 55 -9.90 -24.58 -7.53
N SER A 56 -9.21 -24.82 -6.42
CA SER A 56 -8.03 -24.04 -5.95
C SER A 56 -6.73 -24.75 -6.37
N ALA A 57 -5.62 -24.03 -6.36
CA ALA A 57 -4.29 -24.60 -6.62
C ALA A 57 -3.61 -24.79 -5.27
N ASP A 58 -2.87 -25.89 -5.08
CA ASP A 58 -2.09 -26.15 -3.85
C ASP A 58 -0.67 -25.60 -3.99
N LEU A 59 -0.31 -24.68 -3.09
CA LEU A 59 1.00 -23.99 -3.15
C LEU A 59 1.69 -24.11 -1.79
N VAL A 60 2.98 -23.86 -1.80
CA VAL A 60 3.83 -23.76 -0.58
C VAL A 60 4.72 -22.54 -0.81
N GLY A 61 4.62 -21.56 0.10
CA GLY A 61 5.22 -20.24 -0.11
C GLY A 61 5.83 -19.65 1.14
N TYR A 62 6.71 -18.70 0.90
CA TYR A 62 7.28 -17.80 1.92
C TYR A 62 6.15 -16.95 2.49
N ASP A 63 5.93 -17.06 3.80
CA ASP A 63 4.79 -16.46 4.54
C ASP A 63 3.44 -16.83 3.89
N GLY A 64 3.33 -18.04 3.33
CA GLY A 64 2.07 -18.55 2.80
C GLY A 64 1.50 -17.69 1.67
N SME A 65 2.40 -17.22 0.80
CA SME A 65 2.01 -16.42 -0.34
CB SME A 65 1.96 -14.93 0.05
CG SME A 65 3.32 -14.26 0.27
S SME A 65 3.11 -12.55 0.84
OE SME A 65 2.34 -12.64 2.17
CE SME A 65 1.93 -11.99 -0.32
C SME A 65 2.99 -16.66 -1.50
O SME A 65 4.12 -17.11 -1.29
N SER A 66 2.54 -16.36 -2.73
CA SER A 66 3.38 -16.51 -3.91
C SER A 66 3.03 -15.42 -4.92
N PRO A 67 4.01 -14.63 -5.40
CA PRO A 67 5.38 -14.68 -4.92
C PRO A 67 5.54 -14.38 -3.43
N GLY A 68 6.72 -14.72 -2.92
CA GLY A 68 7.18 -14.37 -1.57
C GLY A 68 7.08 -12.87 -1.40
N PRO A 69 7.02 -12.36 -0.15
CA PRO A 69 7.04 -10.91 0.06
C PRO A 69 8.37 -10.31 -0.43
N THR A 70 8.32 -9.04 -0.80
CA THR A 70 9.49 -8.33 -1.35
C THR A 70 10.35 -7.78 -0.20
N PHE A 71 11.65 -8.10 -0.19
CA PHE A 71 12.59 -7.41 0.72
C PHE A 71 13.06 -6.13 0.06
N GLN A 72 13.28 -5.08 0.85
CA GLN A 72 13.79 -3.78 0.37
C GLN A 72 14.82 -3.36 1.39
N VAL A 73 16.10 -3.53 1.04
CA VAL A 73 17.20 -3.39 2.01
C VAL A 73 18.19 -2.36 1.47
N PRO A 74 18.52 -1.34 2.28
CA PRO A 74 19.55 -0.38 1.89
C PRO A 74 20.94 -1.02 1.95
N ARG A 75 21.82 -0.69 1.00
CA ARG A 75 23.25 -1.06 1.10
CA ARG A 75 23.25 -1.05 1.09
C ARG A 75 23.78 -0.62 2.45
N GLY A 76 24.55 -1.46 3.09
CA GLY A 76 25.24 -1.09 4.34
C GLY A 76 24.52 -1.62 5.56
N VAL A 77 23.33 -2.17 5.43
CA VAL A 77 22.58 -2.76 6.56
C VAL A 77 22.64 -4.28 6.45
N GLU A 78 23.30 -4.95 7.39
CA GLU A 78 23.33 -6.43 7.36
C GLU A 78 21.94 -6.92 7.79
N THR A 79 21.49 -8.02 7.21
CA THR A 79 20.20 -8.64 7.58
C THR A 79 20.45 -10.07 8.01
N VAL A 80 19.60 -10.54 8.90
CA VAL A 80 19.45 -11.97 9.24
C VAL A 80 18.00 -12.35 8.99
N VAL A 81 17.78 -13.41 8.20
CA VAL A 81 16.41 -13.92 7.93
C VAL A 81 16.32 -15.35 8.47
N ARG A 82 15.38 -15.53 9.41
CA ARG A 82 15.05 -16.83 10.00
C ARG A 82 13.99 -17.41 9.08
N PHE A 83 14.40 -18.33 8.22
CA PHE A 83 13.50 -19.06 7.30
C PHE A 83 13.00 -20.32 8.02
N ILE A 84 11.72 -20.34 8.34
CA ILE A 84 11.09 -21.39 9.20
C ILE A 84 10.28 -22.33 8.30
N ASN A 85 10.67 -23.60 8.30
CA ASN A 85 9.97 -24.63 7.50
C ASN A 85 8.78 -25.14 8.32
N ASN A 86 7.59 -24.78 7.89
CA ASN A 86 6.34 -25.36 8.41
C ASN A 86 5.57 -25.97 7.26
N ALA A 87 6.27 -26.71 6.43
CA ALA A 87 5.76 -27.29 5.17
C ALA A 87 5.95 -28.81 5.20
N GLU A 88 5.93 -29.50 4.06
CA GLU A 88 5.93 -30.99 4.07
C GLU A 88 7.21 -31.50 3.46
N ALA A 89 8.03 -30.65 2.83
CA ALA A 89 9.31 -31.08 2.24
C ALA A 89 10.39 -30.12 2.70
N PRO A 90 11.67 -30.54 2.68
CA PRO A 90 12.74 -29.66 3.12
C PRO A 90 12.95 -28.47 2.17
N ASN A 91 13.73 -27.49 2.65
CA ASN A 91 14.05 -26.27 1.86
C ASN A 91 15.52 -25.96 2.04
N SER A 92 16.06 -25.16 1.12
CA SER A 92 17.37 -24.49 1.25
C SER A 92 17.18 -23.13 0.57
N VAL A 93 17.28 -22.02 1.30
CA VAL A 93 17.07 -20.69 0.70
C VAL A 93 18.39 -20.17 0.11
N HIS A 94 18.33 -19.73 -1.14
CA HIS A 94 19.44 -19.01 -1.81
C HIS A 94 19.00 -17.58 -2.14
N LEU A 95 19.78 -16.58 -1.70
CA LEU A 95 19.65 -15.18 -2.17
C LEU A 95 20.50 -15.05 -3.43
N HIS A 96 19.87 -15.22 -4.56
CA HIS A 96 20.48 -15.05 -5.90
C HIS A 96 20.86 -13.58 -6.13
N GLY A 97 22.16 -13.32 -6.33
CA GLY A 97 22.72 -11.99 -6.59
C GLY A 97 23.49 -11.45 -5.40
N SER A 98 23.64 -12.26 -4.33
CA SER A 98 24.33 -11.89 -3.08
C SER A 98 25.59 -12.72 -2.91
N PHE A 99 26.72 -12.08 -2.61
CA PHE A 99 27.99 -12.77 -2.31
C PHE A 99 27.96 -13.23 -0.82
N SER A 100 26.93 -13.99 -0.47
CA SER A 100 26.74 -14.61 0.85
C SER A 100 27.90 -15.58 1.17
N ARG A 101 28.23 -15.77 2.44
CA ARG A 101 29.18 -16.86 2.80
C ARG A 101 28.57 -18.21 2.38
N ALA A 102 29.44 -19.18 2.11
CA ALA A 102 29.02 -20.53 1.62
C ALA A 102 27.87 -21.11 2.46
N ALA A 103 27.85 -20.89 3.79
CA ALA A 103 26.84 -21.53 4.67
C ALA A 103 25.59 -20.65 4.76
N PHE A 104 25.58 -19.51 4.09
CA PHE A 104 24.36 -18.67 4.03
C PHE A 104 23.91 -18.56 2.58
N ASP A 105 24.36 -19.44 1.67
CA ASP A 105 24.17 -19.20 0.21
C ASP A 105 23.14 -20.13 -0.39
N GLY A 106 22.61 -21.09 0.38
CA GLY A 106 21.64 -22.10 -0.09
C GLY A 106 22.30 -23.26 -0.83
N TRP A 107 23.51 -23.65 -0.47
CA TRP A 107 24.07 -24.95 -0.88
C TRP A 107 22.96 -25.99 -0.90
N ALA A 108 22.84 -26.74 -1.99
CA ALA A 108 21.69 -27.64 -2.25
C ALA A 108 21.53 -28.69 -1.13
N GLU A 109 22.61 -29.15 -0.50
CA GLU A 109 22.54 -30.19 0.56
C GLU A 109 22.31 -29.52 1.93
N ASP A 110 22.47 -28.19 2.02
CA ASP A 110 22.38 -27.44 3.31
C ASP A 110 20.89 -27.17 3.60
N ILE A 111 20.15 -28.24 3.89
CA ILE A 111 18.66 -28.21 3.95
C ILE A 111 18.20 -27.94 5.38
N THR A 112 16.99 -27.42 5.44
CA THR A 112 16.12 -27.29 6.63
C THR A 112 14.97 -28.31 6.48
N GLU A 113 14.82 -29.24 7.41
CA GLU A 113 13.67 -30.20 7.43
C GLU A 113 12.46 -29.50 8.01
N PRO A 114 11.23 -29.91 7.62
CA PRO A 114 10.03 -29.45 8.31
C PRO A 114 10.23 -29.59 9.83
N GLY A 115 9.78 -28.59 10.58
CA GLY A 115 9.96 -28.50 12.05
C GLY A 115 11.33 -27.95 12.45
N SER A 116 12.12 -27.46 11.47
CA SER A 116 13.39 -26.74 11.71
C SER A 116 13.37 -25.36 11.03
N PHE A 117 14.37 -24.53 11.37
CA PHE A 117 14.62 -23.19 10.81
C PHE A 117 16.14 -23.03 10.65
N LYS A 118 16.53 -22.13 9.74
CA LYS A 118 17.94 -21.71 9.62
C LYS A 118 18.00 -20.18 9.60
N ASP A 119 18.94 -19.62 10.35
CA ASP A 119 19.26 -18.17 10.31
C ASP A 119 20.28 -17.92 9.19
N TYR A 120 19.87 -17.12 8.21
CA TYR A 120 20.74 -16.69 7.07
C TYR A 120 21.19 -15.24 7.32
N TYR A 121 22.51 -15.04 7.29
CA TYR A 121 23.20 -13.75 7.53
C TYR A 121 23.68 -13.25 6.17
N TYR A 122 23.10 -12.14 5.73
CA TYR A 122 23.36 -11.51 4.41
C TYR A 122 24.16 -10.24 4.59
N PRO A 123 25.13 -9.98 3.68
CA PRO A 123 25.96 -8.79 3.76
C PRO A 123 25.33 -7.48 3.23
N ASN A 124 24.56 -7.50 2.14
CA ASN A 124 23.94 -6.28 1.57
C ASN A 124 25.00 -5.16 1.32
N ARG A 125 26.13 -5.49 0.71
CA ARG A 125 27.25 -4.56 0.45
C ARG A 125 27.41 -4.31 -1.05
N GLN A 126 26.86 -5.16 -1.90
CA GLN A 126 27.07 -5.07 -3.36
C GLN A 126 26.29 -3.87 -3.92
N SER A 127 26.59 -3.55 -5.17
CA SER A 127 25.90 -2.50 -5.96
CA SER A 127 25.90 -2.50 -5.97
C SER A 127 24.39 -2.75 -5.93
N ALA A 128 23.61 -1.70 -5.82
CA ALA A 128 22.13 -1.71 -5.93
C ALA A 128 21.75 -2.58 -7.13
N ARG A 129 20.74 -3.42 -6.95
CA ARG A 129 20.39 -4.49 -7.91
C ARG A 129 19.08 -5.13 -7.46
N THR A 130 18.40 -5.80 -8.37
CA THR A 130 17.26 -6.68 -8.09
C THR A 130 17.79 -8.10 -7.84
N LEU A 131 17.88 -8.52 -6.57
CA LEU A 131 18.14 -9.91 -6.18
C LEU A 131 16.79 -10.65 -6.11
N TRP A 132 16.86 -11.95 -5.92
CA TRP A 132 15.64 -12.72 -5.62
C TRP A 132 16.09 -13.90 -4.78
N TYR A 133 15.19 -14.34 -3.88
CA TYR A 133 15.43 -15.44 -2.94
C TYR A 133 14.52 -16.59 -3.37
N HIS A 134 15.06 -17.81 -3.38
CA HIS A 134 14.27 -18.97 -3.85
C HIS A 134 14.89 -20.26 -3.34
N ASP A 135 14.10 -21.32 -3.49
CA ASP A 135 14.50 -22.61 -2.93
C ASP A 135 15.62 -23.18 -3.79
N HIS A 136 16.49 -23.95 -3.15
CA HIS A 136 17.65 -24.59 -3.81
C HIS A 136 17.88 -26.02 -3.27
N ALA A 137 16.90 -26.59 -2.54
CA ALA A 137 17.02 -27.95 -1.96
C ALA A 137 17.34 -28.98 -3.08
N MET A 138 18.38 -29.76 -2.87
CA MET A 138 18.84 -30.84 -3.77
C MET A 138 17.64 -31.63 -4.30
N HIS A 139 17.54 -31.74 -5.61
CA HIS A 139 16.62 -32.64 -6.36
C HIS A 139 15.18 -32.13 -6.38
N ILE A 140 14.81 -31.14 -5.59
CA ILE A 140 13.39 -30.71 -5.51
C ILE A 140 13.31 -29.21 -5.71
N THR A 141 14.33 -28.59 -6.29
CA THR A 141 14.37 -27.13 -6.48
C THR A 141 13.26 -26.72 -7.47
N ALA A 142 13.11 -27.40 -8.60
CA ALA A 142 12.06 -27.10 -9.61
C ALA A 142 10.69 -27.04 -8.93
N GLU A 143 10.30 -28.10 -8.24
CA GLU A 143 8.94 -28.22 -7.68
C GLU A 143 8.80 -27.23 -6.51
N ASN A 144 9.84 -26.99 -5.73
CA ASN A 144 9.72 -26.01 -4.60
C ASN A 144 9.54 -24.60 -5.20
N ALA A 145 10.36 -24.21 -6.18
CA ALA A 145 10.19 -22.90 -6.85
C ALA A 145 8.79 -22.82 -7.50
N TYR A 146 8.41 -23.88 -8.22
CA TYR A 146 7.16 -23.94 -9.02
C TYR A 146 5.95 -23.78 -8.10
N ARG A 147 5.94 -24.44 -6.93
CA ARG A 147 4.77 -24.38 -6.02
C ARG A 147 4.79 -23.10 -5.20
N GLY A 148 5.82 -22.25 -5.30
CA GLY A 148 5.68 -20.84 -4.83
C GLY A 148 6.86 -20.28 -4.06
N GLN A 149 8.00 -20.97 -3.94
CA GLN A 149 9.15 -20.50 -3.09
C GLN A 149 10.11 -19.65 -3.94
N ALA A 150 9.64 -18.49 -4.37
CA ALA A 150 10.50 -17.45 -4.95
C ALA A 150 9.95 -16.08 -4.54
N GLY A 151 10.83 -15.15 -4.20
CA GLY A 151 10.46 -13.75 -3.94
C GLY A 151 11.53 -12.77 -4.39
N LEU A 152 11.20 -11.48 -4.42
CA LEU A 152 12.15 -10.42 -4.79
C LEU A 152 12.87 -9.85 -3.56
N TYR A 153 14.10 -9.36 -3.78
CA TYR A 153 14.95 -8.71 -2.75
C TYR A 153 15.72 -7.58 -3.41
N MET A 154 15.26 -6.36 -3.17
CA MET A 154 15.76 -5.15 -3.85
C MET A 154 16.81 -4.55 -2.94
N LEU A 155 18.05 -4.46 -3.39
CA LEU A 155 19.16 -3.80 -2.66
C LEU A 155 19.23 -2.37 -3.18
N THR A 156 19.01 -1.39 -2.30
CA THR A 156 18.88 0.04 -2.67
C THR A 156 20.12 0.81 -2.22
N ASP A 157 20.39 1.88 -2.96
CA ASP A 157 21.52 2.83 -2.74
C ASP A 157 21.03 4.23 -3.07
N PRO A 158 21.13 5.23 -2.14
CA PRO A 158 20.69 6.59 -2.45
C PRO A 158 21.47 7.21 -3.63
N ALA A 159 22.69 6.76 -3.92
CA ALA A 159 23.38 7.16 -5.16
C ALA A 159 22.57 6.74 -6.39
N GLU A 160 21.97 5.54 -6.39
CA GLU A 160 21.12 5.13 -7.54
C GLU A 160 19.84 5.98 -7.47
N ASP A 161 19.33 6.24 -6.27
CA ASP A 161 18.07 7.02 -6.11
C ASP A 161 18.26 8.44 -6.68
N ALA A 162 19.48 8.98 -6.68
CA ALA A 162 19.76 10.37 -7.11
C ALA A 162 19.68 10.46 -8.65
N LEU A 163 19.67 9.33 -9.36
CA LEU A 163 19.55 9.36 -10.83
C LEU A 163 18.14 9.77 -11.23
N ASN A 164 17.16 9.69 -10.31
CA ASN A 164 15.75 10.12 -10.52
C ASN A 164 15.05 9.22 -11.55
N LEU A 165 15.41 7.94 -11.57
CA LEU A 165 14.66 6.92 -12.31
C LEU A 165 13.22 6.85 -11.78
N PRO A 166 12.23 6.32 -12.54
CA PRO A 166 10.87 6.17 -12.02
C PRO A 166 10.89 5.39 -10.70
N SER A 167 10.16 5.83 -9.67
CA SER A 167 10.41 5.37 -8.27
C SER A 167 9.11 5.01 -7.55
N GLY A 168 9.25 4.41 -6.38
CA GLY A 168 8.10 4.04 -5.55
C GLY A 168 7.66 2.62 -5.89
N TYR A 169 7.96 1.68 -5.00
CA TYR A 169 7.60 0.26 -5.16
C TYR A 169 6.09 0.17 -5.29
N GLY A 170 5.61 -0.38 -6.39
CA GLY A 170 4.16 -0.47 -6.64
C GLY A 170 3.54 0.83 -7.15
N GLU A 171 4.29 1.92 -7.26
CA GLU A 171 3.79 3.18 -7.89
C GLU A 171 4.33 3.25 -9.32
N PHE A 172 5.59 3.62 -9.51
CA PHE A 172 6.23 3.71 -10.86
C PHE A 172 7.45 2.79 -10.95
N ASP A 173 7.71 2.03 -9.88
CA ASP A 173 8.73 0.97 -9.85
C ASP A 173 8.00 -0.35 -9.58
N ILE A 174 7.82 -1.15 -10.63
CA ILE A 174 6.85 -2.27 -10.68
C ILE A 174 7.62 -3.57 -10.81
N PRO A 175 7.47 -4.52 -9.86
CA PRO A 175 8.08 -5.84 -9.99
C PRO A 175 7.35 -6.60 -11.10
N MET A 176 8.09 -7.32 -11.92
CA MET A 176 7.53 -8.15 -13.02
C MET A 176 8.14 -9.57 -12.99
N ILE A 177 7.68 -10.38 -12.05
CA ILE A 177 8.13 -11.79 -11.88
C ILE A 177 7.31 -12.64 -12.86
N LEU A 178 8.01 -13.17 -13.87
CA LEU A 178 7.44 -14.06 -14.93
C LEU A 178 7.56 -15.52 -14.49
N THR A 179 6.45 -16.23 -14.51
CA THR A 179 6.46 -17.71 -14.46
C THR A 179 5.60 -18.27 -15.59
N SER A 180 5.76 -19.57 -15.81
CA SER A 180 5.10 -20.34 -16.89
C SER A 180 4.72 -21.71 -16.32
N LYS A 181 3.43 -21.94 -16.11
CA LYS A 181 2.97 -23.14 -15.39
C LYS A 181 1.89 -23.82 -16.22
N GLN A 182 1.42 -24.96 -15.71
CA GLN A 182 0.31 -25.73 -16.34
C GLN A 182 -0.66 -26.16 -15.25
N TYR A 183 -1.94 -26.11 -15.57
CA TYR A 183 -3.04 -26.41 -14.63
C TYR A 183 -3.87 -27.60 -15.11
N THR A 184 -4.43 -28.34 -14.16
CA THR A 184 -5.38 -29.48 -14.37
C THR A 184 -6.75 -28.94 -14.77
N ALA A 185 -7.70 -29.81 -15.13
CA ALA A 185 -9.04 -29.38 -15.58
C ALA A 185 -9.79 -28.73 -14.42
N ASN A 186 -9.46 -29.03 -13.16
CA ASN A 186 -10.14 -28.49 -11.95
CA ASN A 186 -10.21 -28.38 -12.04
C ASN A 186 -9.33 -27.30 -11.38
N GLY A 187 -8.36 -26.76 -12.14
CA GLY A 187 -7.62 -25.55 -11.76
C GLY A 187 -6.55 -25.75 -10.68
N ASN A 188 -6.09 -26.97 -10.44
CA ASN A 188 -4.89 -27.22 -9.61
C ASN A 188 -3.68 -27.18 -10.55
N LEU A 189 -2.48 -27.11 -9.97
CA LEU A 189 -1.21 -27.13 -10.74
C LEU A 189 -0.91 -28.56 -11.16
N VAL A 190 -0.44 -28.71 -12.41
CA VAL A 190 0.27 -29.91 -12.90
C VAL A 190 1.66 -29.85 -12.29
N THR A 191 2.06 -30.91 -11.59
CA THR A 191 3.37 -31.05 -10.91
C THR A 191 4.48 -31.14 -11.96
N THR A 192 5.66 -30.66 -11.60
CA THR A 192 6.87 -30.82 -12.44
C THR A 192 7.48 -32.20 -12.18
N ASN A 193 7.00 -32.91 -11.14
CA ASN A 193 7.57 -34.22 -10.74
C ASN A 193 7.43 -35.17 -11.92
N GLY A 194 8.53 -35.85 -12.27
CA GLY A 194 8.57 -36.84 -13.37
C GLY A 194 9.09 -36.22 -14.66
N GLU A 195 9.04 -34.89 -14.79
CA GLU A 195 9.63 -34.21 -15.98
C GLU A 195 11.15 -34.26 -15.85
N LEU A 196 11.86 -34.70 -16.88
CA LEU A 196 13.34 -34.79 -16.92
C LEU A 196 13.95 -33.97 -18.07
N ASN A 197 13.14 -33.42 -18.98
CA ASN A 197 13.66 -32.54 -20.07
C ASN A 197 13.47 -31.05 -19.69
N SER A 198 12.24 -30.56 -19.69
CA SER A 198 11.90 -29.15 -19.45
C SER A 198 10.43 -29.11 -19.17
N PHE A 199 10.01 -28.28 -18.25
CA PHE A 199 8.59 -28.03 -17.96
C PHE A 199 8.25 -26.64 -18.45
N TRP A 200 7.71 -26.51 -19.66
CA TRP A 200 7.56 -25.21 -20.38
C TRP A 200 6.46 -24.38 -19.72
N GLY A 201 5.33 -25.03 -19.46
CA GLY A 201 4.13 -24.36 -18.98
C GLY A 201 3.43 -23.66 -20.12
N ASP A 202 2.10 -23.58 -20.04
CA ASP A 202 1.30 -22.99 -21.13
C ASP A 202 0.52 -21.79 -20.61
N VAL A 203 0.63 -21.49 -19.32
CA VAL A 203 -0.01 -20.30 -18.70
C VAL A 203 1.06 -19.34 -18.19
N ILE A 204 1.10 -18.14 -18.77
CA ILE A 204 2.09 -17.10 -18.41
C ILE A 204 1.52 -16.29 -17.25
N HIS A 205 2.33 -16.12 -16.21
CA HIS A 205 1.99 -15.38 -14.97
C HIS A 205 2.90 -14.15 -14.83
N VAL A 206 2.35 -13.07 -14.29
CA VAL A 206 3.15 -11.95 -13.72
C VAL A 206 2.76 -11.78 -12.25
N ASN A 207 3.76 -11.83 -11.39
CA ASN A 207 3.65 -11.82 -9.92
C ASN A 207 2.58 -12.79 -9.46
N GLY A 208 2.56 -13.99 -10.06
CA GLY A 208 1.75 -15.12 -9.60
C GLY A 208 0.38 -15.17 -10.23
N GLN A 209 0.06 -14.24 -11.14
CA GLN A 209 -1.29 -14.08 -11.70
C GLN A 209 -1.20 -14.36 -13.18
N PRO A 210 -1.97 -15.34 -13.71
CA PRO A 210 -2.09 -15.50 -15.16
C PRO A 210 -2.58 -14.22 -15.87
N TRP A 211 -1.86 -13.85 -16.92
CA TRP A 211 -2.26 -12.86 -17.94
C TRP A 211 -3.02 -11.71 -17.30
N PRO A 212 -2.39 -10.91 -16.43
CA PRO A 212 -3.06 -9.78 -15.78
C PRO A 212 -3.19 -8.50 -16.61
N PHE A 213 -3.75 -7.45 -16.05
CA PHE A 213 -3.75 -6.10 -16.68
C PHE A 213 -3.31 -5.15 -15.58
N LYS A 214 -2.83 -3.98 -15.98
CA LYS A 214 -2.61 -2.85 -15.05
C LYS A 214 -3.02 -1.56 -15.75
N ASN A 215 -3.68 -0.69 -14.99
CA ASN A 215 -3.94 0.70 -15.39
C ASN A 215 -2.67 1.49 -15.13
N VAL A 216 -2.15 2.16 -16.15
CA VAL A 216 -0.94 3.02 -16.06
C VAL A 216 -1.30 4.41 -16.57
N GLU A 217 -0.53 5.38 -16.14
CA GLU A 217 -0.62 6.76 -16.67
C GLU A 217 0.35 6.89 -17.84
N PRO A 218 0.11 7.84 -18.76
CA PRO A 218 1.00 8.05 -19.90
C PRO A 218 2.30 8.73 -19.44
N ARG A 219 3.19 7.98 -18.77
CA ARG A 219 4.51 8.46 -18.27
C ARG A 219 5.47 7.26 -18.18
N LYS A 220 6.63 7.48 -17.58
CA LYS A 220 7.71 6.48 -17.53
C LYS A 220 7.55 5.61 -16.28
N TYR A 221 7.70 4.31 -16.44
CA TYR A 221 7.67 3.28 -15.37
C TYR A 221 8.96 2.47 -15.45
N ARG A 222 9.50 2.15 -14.29
CA ARG A 222 10.56 1.15 -14.11
C ARG A 222 9.89 -0.22 -13.89
N PHE A 223 10.19 -1.17 -14.79
CA PHE A 223 9.77 -2.58 -14.73
C PHE A 223 10.98 -3.43 -14.35
N ARG A 224 10.87 -4.19 -13.25
CA ARG A 224 11.94 -5.11 -12.77
C ARG A 224 11.58 -6.51 -13.22
N PHE A 225 12.07 -6.90 -14.38
CA PHE A 225 11.80 -8.23 -14.98
C PHE A 225 12.70 -9.26 -14.31
N LEU A 226 12.06 -10.35 -13.89
CA LEU A 226 12.74 -11.58 -13.40
C LEU A 226 12.06 -12.78 -14.06
N ASP A 227 12.83 -13.63 -14.72
CA ASP A 227 12.32 -14.92 -15.26
C ASP A 227 12.42 -15.95 -14.14
N ALA A 228 11.35 -16.17 -13.39
CA ALA A 228 11.36 -17.17 -12.28
C ALA A 228 10.70 -18.47 -12.75
N ALA A 229 10.57 -18.67 -14.07
CA ALA A 229 9.95 -19.89 -14.63
C ALA A 229 10.89 -21.06 -14.36
N VAL A 230 10.32 -22.26 -14.40
CA VAL A 230 11.09 -23.51 -14.25
C VAL A 230 11.93 -23.69 -15.50
N SER A 231 11.35 -23.54 -16.69
CA SER A 231 12.12 -23.84 -17.94
C SER A 231 11.87 -22.84 -19.08
N ARG A 232 10.92 -21.91 -18.99
CA ARG A 232 10.58 -21.01 -20.11
C ARG A 232 11.53 -19.83 -20.13
N SER A 233 12.19 -19.64 -21.26
CA SER A 233 12.88 -18.38 -21.66
C SER A 233 11.90 -17.53 -22.48
N PHE A 234 12.13 -16.21 -22.51
CA PHE A 234 11.23 -15.21 -23.14
C PHE A 234 12.01 -14.29 -24.08
N GLY A 235 11.32 -13.76 -25.09
CA GLY A 235 11.78 -12.66 -25.94
C GLY A 235 10.75 -11.57 -25.84
N LEU A 236 10.94 -10.63 -24.90
CA LEU A 236 9.85 -9.72 -24.50
C LEU A 236 9.82 -8.56 -25.49
N TYR A 237 8.61 -8.16 -25.86
CA TYR A 237 8.38 -6.87 -26.58
C TYR A 237 7.03 -6.30 -26.16
N PHE A 238 6.86 -5.01 -26.43
CA PHE A 238 5.62 -4.26 -26.15
C PHE A 238 4.98 -3.87 -27.48
N ALA A 239 3.64 -3.93 -27.58
CA ALA A 239 2.92 -3.55 -28.81
C ALA A 239 1.57 -2.92 -28.44
N ASP A 240 1.24 -1.85 -29.14
CA ASP A 240 -0.13 -1.29 -29.22
C ASP A 240 -1.08 -2.39 -29.69
N THR A 241 -2.21 -2.60 -29.02
CA THR A 241 -3.23 -3.59 -29.45
C THR A 241 -3.77 -3.20 -30.84
N ASP A 242 -3.64 -1.94 -31.29
CA ASP A 242 -4.04 -1.52 -32.67
CA ASP A 242 -4.04 -1.52 -32.67
C ASP A 242 -2.95 -1.90 -33.70
N ALA A 243 -1.80 -2.45 -33.29
CA ALA A 243 -0.70 -2.84 -34.22
C ALA A 243 0.20 -3.83 -33.49
N ILE A 244 -0.36 -5.01 -33.28
CA ILE A 244 0.07 -5.92 -32.20
C ILE A 244 1.40 -6.55 -32.60
N ASP A 245 1.86 -6.35 -33.84
CA ASP A 245 3.14 -6.93 -34.31
C ASP A 245 4.23 -5.85 -34.38
N THR A 246 3.92 -4.60 -34.11
CA THR A 246 4.90 -3.50 -34.20
C THR A 246 5.50 -3.25 -32.80
N ARG A 247 6.78 -3.59 -32.65
CA ARG A 247 7.50 -3.51 -31.36
C ARG A 247 7.75 -2.05 -31.00
N LEU A 248 7.43 -1.66 -29.79
CA LEU A 248 7.69 -0.29 -29.31
C LEU A 248 9.04 -0.24 -28.59
N PRO A 249 9.83 0.81 -28.83
CA PRO A 249 11.13 0.98 -28.19
C PRO A 249 11.02 1.17 -26.67
N PHE A 250 12.04 0.72 -25.95
CA PHE A 250 12.18 0.93 -24.50
C PHE A 250 13.67 0.94 -24.18
N LYS A 251 14.00 1.21 -22.92
CA LYS A 251 15.41 1.28 -22.45
CA LYS A 251 15.41 1.28 -22.46
C LYS A 251 15.64 0.22 -21.37
N VAL A 252 16.72 -0.55 -21.50
CA VAL A 252 17.19 -1.43 -20.41
C VAL A 252 18.20 -0.60 -19.62
N ILE A 253 18.02 -0.52 -18.30
CA ILE A 253 18.87 0.30 -17.40
C ILE A 253 19.74 -0.58 -16.49
N ALA A 254 19.44 -1.85 -16.34
CA ALA A 254 20.12 -2.72 -15.35
C ALA A 254 20.01 -4.17 -15.76
N SER A 255 21.04 -4.92 -15.43
CA SER A 255 21.18 -6.37 -15.61
C SER A 255 21.24 -6.97 -14.18
N ASP A 256 21.56 -8.25 -14.06
CA ASP A 256 21.54 -9.05 -12.81
C ASP A 256 22.24 -8.29 -11.67
N SER A 257 23.40 -7.72 -11.94
CA SER A 257 24.37 -7.22 -10.94
C SER A 257 24.19 -5.73 -10.69
N GLY A 258 23.37 -5.03 -11.48
CA GLY A 258 23.13 -3.58 -11.28
C GLY A 258 23.05 -2.82 -12.58
N LEU A 259 23.08 -1.50 -12.49
CA LEU A 259 22.93 -0.54 -13.63
C LEU A 259 23.91 -0.87 -14.75
N LEU A 260 23.47 -0.73 -16.00
CA LEU A 260 24.38 -0.67 -17.16
C LEU A 260 25.15 0.65 -17.07
N GLU A 261 26.19 0.77 -17.88
CA GLU A 261 26.97 2.02 -18.01
C GLU A 261 26.05 3.11 -18.61
N HIS A 262 25.22 2.71 -19.56
CA HIS A 262 24.31 3.57 -20.32
C HIS A 262 23.04 2.78 -20.56
N PRO A 263 21.86 3.42 -20.69
CA PRO A 263 20.66 2.67 -21.06
C PRO A 263 20.91 2.06 -22.45
N ALA A 264 20.37 0.87 -22.68
CA ALA A 264 20.40 0.14 -23.97
C ALA A 264 19.02 0.28 -24.61
N ASP A 265 18.98 0.97 -25.75
CA ASP A 265 17.78 1.19 -26.57
C ASP A 265 17.44 -0.14 -27.20
N THR A 266 16.26 -0.65 -26.90
CA THR A 266 15.87 -2.06 -27.12
C THR A 266 14.40 -2.08 -27.59
N SER A 267 14.07 -2.96 -28.51
CA SER A 267 12.65 -3.27 -28.81
C SER A 267 12.34 -4.75 -28.56
N LEU A 268 13.36 -5.57 -28.30
CA LEU A 268 13.22 -7.01 -28.00
C LEU A 268 14.21 -7.39 -26.88
N LEU A 269 13.72 -8.03 -25.83
CA LEU A 269 14.56 -8.37 -24.66
C LEU A 269 14.50 -9.87 -24.46
N TYR A 270 15.60 -10.54 -24.78
CA TYR A 270 15.80 -11.94 -24.38
C TYR A 270 16.00 -11.96 -22.86
N ILE A 271 15.22 -12.77 -22.16
CA ILE A 271 15.39 -13.03 -20.71
C ILE A 271 15.13 -14.51 -20.42
N SER A 272 16.13 -15.20 -19.88
CA SER A 272 16.07 -16.64 -19.59
C SER A 272 16.06 -16.82 -18.05
N MET A 273 15.89 -18.06 -17.60
CA MET A 273 15.68 -18.38 -16.18
C MET A 273 16.77 -17.71 -15.33
N ALA A 274 16.32 -16.88 -14.39
CA ALA A 274 17.06 -16.30 -13.25
C ALA A 274 17.69 -14.96 -13.64
N GLU A 275 17.58 -14.55 -14.91
CA GLU A 275 18.00 -13.21 -15.37
C GLU A 275 17.05 -12.16 -14.82
N ARG A 276 17.62 -11.08 -14.29
CA ARG A 276 16.91 -9.80 -13.98
C ARG A 276 17.36 -8.74 -14.99
N TYR A 277 16.41 -8.09 -15.62
CA TYR A 277 16.62 -6.85 -16.42
C TYR A 277 15.62 -5.82 -15.94
N GLU A 278 16.12 -4.63 -15.59
CA GLU A 278 15.23 -3.47 -15.29
C GLU A 278 15.09 -2.63 -16.57
N VAL A 279 13.86 -2.33 -16.92
CA VAL A 279 13.47 -1.64 -18.17
C VAL A 279 12.76 -0.35 -17.75
N VAL A 280 12.98 0.76 -18.43
CA VAL A 280 12.05 1.93 -18.38
C VAL A 280 11.22 1.96 -19.64
N PHE A 281 9.89 1.89 -19.47
CA PHE A 281 8.93 2.05 -20.58
C PHE A 281 8.26 3.41 -20.39
N ASP A 282 8.24 4.20 -21.46
CA ASP A 282 7.60 5.52 -21.55
C ASP A 282 6.24 5.35 -22.25
N PHE A 283 5.17 5.36 -21.47
CA PHE A 283 3.78 5.28 -21.96
C PHE A 283 3.27 6.64 -22.50
N SER A 284 4.07 7.69 -22.51
CA SER A 284 3.53 9.04 -22.80
C SER A 284 3.12 9.16 -24.27
N ASP A 285 3.68 8.38 -25.18
CA ASP A 285 3.27 8.44 -26.61
C ASP A 285 2.06 7.56 -26.84
N TYR A 286 1.49 6.92 -25.81
CA TYR A 286 0.46 5.88 -26.00
C TYR A 286 -0.76 6.18 -25.15
N ALA A 287 -0.99 7.47 -24.83
CA ALA A 287 -2.14 7.92 -24.02
C ALA A 287 -3.41 7.41 -24.67
N GLY A 288 -4.28 6.80 -23.87
CA GLY A 288 -5.57 6.27 -24.29
C GLY A 288 -5.46 4.97 -25.08
N LYS A 289 -4.28 4.40 -25.20
CA LYS A 289 -4.08 3.08 -25.86
C LYS A 289 -3.99 1.96 -24.84
N THR A 290 -4.00 0.73 -25.35
CA THR A 290 -3.68 -0.51 -24.64
C THR A 290 -2.38 -1.05 -25.24
N ILE A 291 -1.35 -1.19 -24.40
CA ILE A 291 -0.04 -1.77 -24.76
C ILE A 291 0.03 -3.19 -24.21
N GLU A 292 0.16 -4.19 -25.07
CA GLU A 292 0.31 -5.60 -24.69
C GLU A 292 1.80 -5.91 -24.57
N LEU A 293 2.21 -6.49 -23.43
CA LEU A 293 3.55 -7.09 -23.26
C LEU A 293 3.44 -8.50 -23.82
N ARG A 294 4.22 -8.81 -24.84
CA ARG A 294 4.10 -10.08 -25.61
CA ARG A 294 4.12 -10.07 -25.64
C ARG A 294 5.42 -10.86 -25.55
N ASN A 295 5.39 -12.08 -26.07
CA ASN A 295 6.57 -12.97 -25.98
C ASN A 295 6.80 -13.59 -27.35
N LEU A 296 8.02 -13.50 -27.85
CA LEU A 296 8.42 -13.99 -29.17
C LEU A 296 8.14 -15.50 -29.27
N GLY A 297 7.49 -15.94 -30.34
CA GLY A 297 7.33 -17.37 -30.68
C GLY A 297 8.51 -17.90 -31.48
N GLY A 298 8.35 -19.08 -32.08
CA GLY A 298 9.45 -19.73 -32.82
C GLY A 298 10.57 -20.15 -31.88
N SER A 299 10.27 -20.56 -30.65
CA SER A 299 11.27 -20.93 -29.62
C SER A 299 12.22 -19.75 -29.46
N ILE A 300 11.64 -18.63 -29.05
CA ILE A 300 12.33 -17.32 -28.87
C ILE A 300 13.17 -17.02 -30.13
N GLY A 301 12.52 -16.98 -31.30
CA GLY A 301 13.15 -16.60 -32.58
C GLY A 301 14.36 -17.45 -32.95
N GLY A 302 14.31 -18.75 -32.73
CA GLY A 302 15.37 -19.71 -33.10
C GLY A 302 16.55 -19.76 -32.11
N ILE A 303 16.47 -19.03 -31.00
CA ILE A 303 17.55 -19.05 -29.96
C ILE A 303 17.33 -20.22 -28.99
N GLY A 304 16.07 -20.50 -28.66
CA GLY A 304 15.67 -21.52 -27.70
C GLY A 304 15.17 -22.76 -28.41
N THR A 305 14.63 -23.67 -27.59
CA THR A 305 13.92 -24.91 -28.00
C THR A 305 12.55 -24.97 -27.32
N ASP A 306 12.16 -23.95 -26.56
CA ASP A 306 10.92 -23.98 -25.74
C ASP A 306 9.73 -24.28 -26.65
N THR A 307 8.80 -25.10 -26.18
CA THR A 307 7.49 -25.28 -26.86
C THR A 307 6.72 -23.96 -26.71
N ASP A 308 6.07 -23.51 -27.79
CA ASP A 308 5.08 -22.41 -27.79
C ASP A 308 3.67 -22.99 -27.71
N TYR A 309 2.79 -22.35 -26.92
CA TYR A 309 1.35 -22.71 -26.83
C TYR A 309 0.52 -21.52 -27.31
N ASP A 310 -0.80 -21.73 -27.41
CA ASP A 310 -1.77 -20.78 -28.01
C ASP A 310 -1.58 -19.40 -27.38
N ASN A 311 -1.37 -19.33 -26.07
CA ASN A 311 -1.40 -18.02 -25.37
C ASN A 311 -0.05 -17.67 -24.73
N THR A 312 1.03 -18.35 -25.06
CA THR A 312 2.36 -18.05 -24.48
C THR A 312 3.00 -16.90 -25.25
N ASP A 313 2.35 -16.38 -26.31
CA ASP A 313 2.77 -15.12 -26.99
C ASP A 313 2.29 -13.86 -26.21
N LYS A 314 1.49 -14.04 -25.17
CA LYS A 314 0.86 -12.94 -24.42
C LYS A 314 1.36 -13.00 -22.97
N VAL A 315 1.69 -11.85 -22.39
CA VAL A 315 2.15 -11.75 -20.99
C VAL A 315 1.13 -10.95 -20.20
N MET A 316 0.95 -9.66 -20.50
CA MET A 316 -0.07 -8.83 -19.80
C MET A 316 -0.41 -7.60 -20.63
N ARG A 317 -1.42 -6.87 -20.18
CA ARG A 317 -1.85 -5.61 -20.85
C ARG A 317 -1.73 -4.42 -19.91
N PHE A 318 -1.32 -3.30 -20.49
CA PHE A 318 -1.26 -1.98 -19.84
C PHE A 318 -2.29 -1.08 -20.50
N VAL A 319 -3.26 -0.66 -19.73
CA VAL A 319 -4.32 0.28 -20.21
C VAL A 319 -3.88 1.68 -19.79
N VAL A 320 -3.56 2.49 -20.78
CA VAL A 320 -2.93 3.82 -20.59
C VAL A 320 -4.01 4.92 -20.54
N ALA A 321 -4.05 5.69 -19.46
CA ALA A 321 -4.98 6.83 -19.32
C ALA A 321 -4.61 7.95 -20.30
N ASP A 322 -5.47 8.98 -20.39
CA ASP A 322 -5.31 10.07 -21.38
C ASP A 322 -4.31 11.08 -20.86
N ASP A 323 -4.06 11.09 -19.55
CA ASP A 323 -3.12 12.07 -18.94
CA ASP A 323 -3.27 12.15 -18.87
C ASP A 323 -2.72 11.60 -17.54
N THR A 324 -1.68 12.22 -17.01
CA THR A 324 -1.13 11.95 -15.68
C THR A 324 -1.88 12.83 -14.67
N THR A 325 -1.90 12.38 -13.42
CA THR A 325 -2.54 13.11 -12.30
C THR A 325 -1.51 13.98 -11.58
N GLN A 326 -0.22 13.67 -11.80
CA GLN A 326 0.98 14.33 -11.22
C GLN A 326 2.05 14.40 -12.29
N PRO A 327 2.91 15.44 -12.28
CA PRO A 327 3.99 15.55 -13.25
C PRO A 327 4.88 14.31 -13.24
N ASP A 328 5.42 13.94 -14.40
CA ASP A 328 6.46 12.87 -14.45
C ASP A 328 7.79 13.55 -14.18
N THR A 329 8.32 13.37 -12.98
CA THR A 329 9.57 14.01 -12.54
C THR A 329 10.73 13.04 -12.70
N SER A 330 10.52 11.92 -13.39
CA SER A 330 11.54 10.87 -13.57
C SER A 330 12.35 11.13 -14.83
N VAL A 331 13.54 10.56 -14.85
CA VAL A 331 14.42 10.65 -16.02
C VAL A 331 15.24 9.37 -16.11
N VAL A 332 15.70 9.05 -17.32
CA VAL A 332 16.68 7.99 -17.60
C VAL A 332 17.93 8.67 -18.15
N PRO A 333 18.90 8.98 -17.27
CA PRO A 333 20.14 9.62 -17.69
C PRO A 333 20.92 8.78 -18.69
N ALA A 334 21.51 9.41 -19.70
CA ALA A 334 22.39 8.74 -20.70
C ALA A 334 23.55 8.04 -19.99
N ASN A 335 24.04 8.56 -18.86
CA ASN A 335 25.18 7.95 -18.11
C ASN A 335 24.65 7.46 -16.76
N LEU A 336 24.68 6.17 -16.50
CA LEU A 336 24.02 5.64 -15.28
C LEU A 336 25.07 5.42 -14.19
N ARG A 337 26.15 4.73 -14.53
CA ARG A 337 27.28 4.51 -13.59
C ARG A 337 28.53 4.03 -14.33
N ASP A 338 29.65 4.12 -13.64
CA ASP A 338 30.87 3.40 -14.02
C ASP A 338 30.70 1.98 -13.49
N VAL A 339 30.50 1.01 -14.37
CA VAL A 339 30.36 -0.42 -14.02
C VAL A 339 31.71 -0.94 -13.50
N PRO A 340 31.76 -1.57 -12.30
CA PRO A 340 33.00 -2.08 -11.71
C PRO A 340 33.42 -3.44 -12.30
N PHE A 341 33.77 -3.40 -13.58
CA PHE A 341 34.21 -4.57 -14.37
C PHE A 341 35.43 -5.18 -13.68
N PRO A 342 35.62 -6.50 -13.75
CA PRO A 342 36.84 -7.07 -13.21
C PRO A 342 38.00 -6.73 -14.15
N SER A 343 39.20 -6.83 -13.63
CA SER A 343 40.43 -6.76 -14.46
C SER A 343 40.31 -7.76 -15.61
N PRO A 344 40.64 -7.38 -16.85
CA PRO A 344 40.82 -8.38 -17.90
C PRO A 344 41.88 -9.40 -17.44
N THR A 345 41.76 -10.64 -17.91
CA THR A 345 42.79 -11.69 -17.69
C THR A 345 43.23 -12.21 -19.04
N THR A 346 44.48 -12.69 -19.12
CA THR A 346 45.12 -13.30 -20.30
C THR A 346 45.23 -14.82 -20.08
N ASN A 347 44.78 -15.31 -18.91
CA ASN A 347 44.76 -16.74 -18.55
C ASN A 347 43.85 -17.55 -19.49
N THR A 348 44.26 -18.78 -19.81
CA THR A 348 43.48 -19.72 -20.66
C THR A 348 42.13 -19.96 -20.01
N PRO A 349 41.02 -19.74 -20.73
CA PRO A 349 39.71 -19.95 -20.16
C PRO A 349 39.58 -21.42 -19.75
N ARG A 350 39.00 -21.67 -18.58
CA ARG A 350 38.46 -23.01 -18.25
C ARG A 350 37.28 -23.31 -19.19
N GLN A 351 37.11 -24.58 -19.56
CA GLN A 351 36.00 -25.07 -20.41
C GLN A 351 35.02 -25.91 -19.58
N PHE A 352 33.74 -25.57 -19.66
CA PHE A 352 32.59 -26.32 -19.09
C PHE A 352 31.55 -26.56 -20.19
N ARG A 353 31.36 -27.83 -20.53
CA ARG A 353 30.39 -28.32 -21.54
CA ARG A 353 30.39 -28.32 -21.54
C ARG A 353 29.10 -28.75 -20.82
N PHE A 354 27.97 -28.20 -21.24
CA PHE A 354 26.63 -28.46 -20.66
C PHE A 354 25.91 -29.38 -21.63
N GLY A 355 25.86 -30.66 -21.28
CA GLY A 355 25.29 -31.67 -22.17
C GLY A 355 24.61 -32.77 -21.39
N ARG A 356 24.58 -33.98 -21.95
CA ARG A 356 23.85 -35.12 -21.36
C ARG A 356 24.80 -36.30 -21.18
N THR A 357 24.61 -37.08 -20.12
CA THR A 357 25.36 -38.33 -19.87
C THR A 357 24.28 -39.38 -19.72
N GLY A 358 24.11 -40.20 -20.75
CA GLY A 358 22.84 -40.93 -20.90
C GLY A 358 21.70 -39.96 -20.68
N PRO A 359 20.79 -40.21 -19.72
CA PRO A 359 19.60 -39.37 -19.55
C PRO A 359 19.80 -38.17 -18.62
N THR A 360 20.98 -38.02 -18.04
CA THR A 360 21.23 -37.01 -17.00
C THR A 360 21.89 -35.78 -17.64
N TRP A 361 21.36 -34.60 -17.30
CA TRP A 361 21.99 -33.29 -17.60
C TRP A 361 23.27 -33.14 -16.77
N THR A 362 24.41 -32.87 -17.41
CA THR A 362 25.73 -32.90 -16.76
C THR A 362 26.59 -31.69 -17.17
N ILE A 363 27.64 -31.47 -16.40
CA ILE A 363 28.71 -30.47 -16.69
C ILE A 363 30.01 -31.26 -16.77
N ASN A 364 30.63 -31.25 -17.93
CA ASN A 364 31.86 -32.04 -18.18
C ASN A 364 31.61 -33.51 -17.81
N GLY A 365 30.42 -34.02 -18.10
CA GLY A 365 30.05 -35.43 -17.84
C GLY A 365 29.79 -35.72 -16.37
N VAL A 366 29.65 -34.69 -15.53
CA VAL A 366 29.47 -34.89 -14.07
C VAL A 366 28.13 -34.33 -13.60
N ALA A 367 27.49 -35.09 -12.69
CA ALA A 367 26.22 -34.81 -11.98
C ALA A 367 26.53 -34.36 -10.55
N PHE A 368 25.79 -33.36 -10.07
CA PHE A 368 26.04 -32.74 -8.74
C PHE A 368 25.98 -33.80 -7.64
N ALA A 369 25.14 -34.82 -7.76
CA ALA A 369 25.00 -35.92 -6.76
C ALA A 369 26.36 -36.61 -6.54
N ASP A 370 27.20 -36.64 -7.58
CA ASP A 370 28.52 -37.30 -7.56
C ASP A 370 29.56 -36.45 -6.80
N VAL A 371 29.45 -36.46 -5.48
CA VAL A 371 30.35 -35.71 -4.56
C VAL A 371 31.80 -35.85 -5.03
N GLN A 372 32.21 -37.07 -5.38
CA GLN A 372 33.61 -37.39 -5.67
C GLN A 372 34.12 -36.47 -6.78
N ASN A 373 33.27 -36.13 -7.76
CA ASN A 373 33.73 -35.60 -9.07
C ASN A 373 33.18 -34.19 -9.34
N ARG A 374 32.31 -33.67 -8.47
CA ARG A 374 31.53 -32.44 -8.75
C ARG A 374 32.37 -31.18 -8.48
N LEU A 375 33.47 -31.25 -7.74
CA LEU A 375 34.30 -30.05 -7.48
CA LEU A 375 34.32 -30.06 -7.48
C LEU A 375 35.19 -29.84 -8.72
N LEU A 376 34.71 -29.05 -9.69
CA LEU A 376 35.33 -28.94 -11.04
C LEU A 376 36.42 -27.85 -11.13
N ALA A 377 36.54 -26.96 -10.14
CA ALA A 377 37.53 -25.86 -10.20
C ALA A 377 37.97 -25.44 -8.80
N ASN A 378 39.26 -25.23 -8.62
CA ASN A 378 39.87 -24.59 -7.42
C ASN A 378 40.47 -23.28 -7.91
N VAL A 379 40.02 -22.16 -7.34
CA VAL A 379 40.34 -20.79 -7.79
C VAL A 379 40.75 -19.98 -6.58
N PRO A 380 42.04 -19.59 -6.48
CA PRO A 380 42.50 -18.78 -5.37
C PRO A 380 41.65 -17.51 -5.31
N VAL A 381 41.15 -17.20 -4.12
CA VAL A 381 40.47 -15.90 -3.86
C VAL A 381 41.34 -14.78 -4.41
N GLY A 382 40.75 -13.91 -5.24
CA GLY A 382 41.34 -12.67 -5.78
C GLY A 382 41.77 -12.84 -7.22
N THR A 383 41.72 -14.07 -7.71
CA THR A 383 42.02 -14.47 -9.10
C THR A 383 40.88 -13.99 -10.00
N VAL A 384 41.23 -13.55 -11.19
CA VAL A 384 40.23 -13.34 -12.27
C VAL A 384 40.36 -14.53 -13.19
N GLU A 385 39.24 -15.16 -13.52
CA GLU A 385 39.22 -16.22 -14.55
C GLU A 385 38.14 -15.94 -15.59
N ARG A 386 38.45 -16.35 -16.80
CA ARG A 386 37.48 -16.55 -17.89
C ARG A 386 37.03 -17.99 -17.90
N TRP A 387 35.72 -18.19 -17.89
CA TRP A 387 35.10 -19.51 -18.07
C TRP A 387 34.41 -19.53 -19.43
N GLU A 388 34.76 -20.51 -20.24
CA GLU A 388 34.15 -20.78 -21.55
C GLU A 388 33.04 -21.79 -21.33
N LEU A 389 31.82 -21.31 -21.44
CA LEU A 389 30.56 -22.07 -21.19
C LEU A 389 30.02 -22.56 -22.54
N ILE A 390 30.05 -23.88 -22.75
CA ILE A 390 29.85 -24.51 -24.08
C ILE A 390 28.53 -25.28 -24.08
N ASN A 391 27.61 -24.86 -24.96
CA ASN A 391 26.40 -25.66 -25.24
C ASN A 391 26.60 -26.21 -26.66
N ALA A 392 27.01 -27.46 -26.76
CA ALA A 392 27.30 -28.14 -28.05
C ALA A 392 25.98 -28.61 -28.66
N GLY A 393 24.90 -28.65 -27.87
CA GLY A 393 23.56 -29.15 -28.28
C GLY A 393 22.73 -28.17 -29.08
N ASN A 394 21.93 -28.71 -30.00
CA ASN A 394 20.96 -27.94 -30.80
C ASN A 394 19.53 -28.17 -30.27
N THR A 395 19.34 -29.06 -29.30
CA THR A 395 17.98 -29.46 -28.86
C THR A 395 17.82 -29.15 -27.38
N TRP A 396 18.71 -28.35 -26.81
CA TRP A 396 18.53 -27.79 -25.44
C TRP A 396 19.24 -26.44 -25.35
N THR A 397 18.81 -25.60 -24.40
CA THR A 397 19.50 -24.34 -24.03
C THR A 397 19.62 -24.25 -22.50
N HIS A 398 20.61 -23.51 -22.07
CA HIS A 398 21.12 -23.58 -20.68
C HIS A 398 21.50 -22.18 -20.25
N PRO A 399 20.63 -21.51 -19.46
CA PRO A 399 21.04 -20.31 -18.75
C PRO A 399 21.97 -20.70 -17.59
N ILE A 400 23.25 -20.38 -17.73
CA ILE A 400 24.30 -20.75 -16.75
C ILE A 400 24.51 -19.64 -15.73
N HIS A 401 24.59 -20.06 -14.48
CA HIS A 401 24.69 -19.21 -13.28
C HIS A 401 25.89 -19.68 -12.47
N ILE A 402 26.67 -18.73 -11.98
CA ILE A 402 27.82 -18.95 -11.08
C ILE A 402 27.53 -18.17 -9.81
N HIS A 403 27.46 -18.86 -8.69
CA HIS A 403 27.30 -18.28 -7.33
C HIS A 403 28.53 -17.40 -6.99
N LEU A 404 28.38 -16.54 -6.00
CA LEU A 404 29.41 -15.64 -5.44
C LEU A 404 29.65 -14.45 -6.38
N VAL A 405 29.94 -14.71 -7.66
CA VAL A 405 30.57 -13.69 -8.56
C VAL A 405 29.51 -12.88 -9.29
N ASP A 406 29.94 -11.71 -9.77
CA ASP A 406 29.38 -10.96 -10.92
C ASP A 406 30.37 -11.16 -12.07
N PHE A 407 29.91 -11.32 -13.29
CA PHE A 407 30.85 -11.48 -14.41
C PHE A 407 30.48 -10.56 -15.56
N LYS A 408 31.48 -10.33 -16.39
CA LYS A 408 31.34 -9.65 -17.70
C LYS A 408 31.23 -10.73 -18.77
N VAL A 409 30.28 -10.54 -19.69
CA VAL A 409 30.11 -11.38 -20.91
C VAL A 409 31.11 -10.87 -21.94
N ILE A 410 32.10 -11.70 -22.26
CA ILE A 410 33.20 -11.32 -23.18
C ILE A 410 32.78 -11.60 -24.61
N SER A 411 32.16 -12.73 -24.87
CA SER A 411 31.93 -13.22 -26.25
C SER A 411 30.81 -14.25 -26.25
N ARG A 412 30.04 -14.26 -27.35
CA ARG A 412 29.11 -15.36 -27.68
C ARG A 412 29.40 -15.75 -29.12
N THR A 413 29.58 -17.03 -29.38
CA THR A 413 29.48 -17.64 -30.73
C THR A 413 28.25 -18.53 -30.77
N SER A 414 27.65 -18.62 -31.95
CA SER A 414 26.45 -19.43 -32.25
C SER A 414 26.77 -20.36 -33.42
N GLY A 415 26.64 -21.66 -33.21
CA GLY A 415 26.74 -22.65 -34.29
C GLY A 415 25.59 -22.53 -35.25
N ASN A 416 24.55 -21.72 -34.95
CA ASN A 416 23.49 -21.38 -35.91
C ASN A 416 23.71 -19.95 -36.42
N ASN A 417 24.88 -19.35 -36.17
CA ASN A 417 25.20 -17.98 -36.62
C ASN A 417 24.05 -17.01 -36.27
N ALA A 418 23.42 -17.13 -35.09
CA ALA A 418 22.15 -16.45 -34.73
C ALA A 418 22.41 -15.10 -34.10
N ARG A 419 23.46 -14.94 -33.30
CA ARG A 419 23.66 -13.69 -32.51
C ARG A 419 25.01 -13.73 -31.81
N THR A 420 25.48 -12.59 -31.31
CA THR A 420 26.66 -12.50 -30.43
C THR A 420 26.24 -11.92 -29.08
N VAL A 421 27.01 -10.99 -28.54
CA VAL A 421 26.67 -10.38 -27.21
C VAL A 421 25.57 -9.33 -27.40
N MET A 422 24.54 -9.32 -26.57
CA MET A 422 23.41 -8.37 -26.70
C MET A 422 23.82 -7.07 -26.02
N PRO A 423 23.30 -5.91 -26.47
CA PRO A 423 23.66 -4.62 -25.88
C PRO A 423 23.35 -4.53 -24.38
N TYR A 424 22.32 -5.24 -23.90
CA TYR A 424 21.94 -5.24 -22.47
C TYR A 424 22.80 -6.25 -21.70
N GLU A 425 23.72 -6.94 -22.37
CA GLU A 425 24.73 -7.81 -21.71
C GLU A 425 26.05 -7.06 -21.56
N SER A 426 26.05 -5.73 -21.66
CA SER A 426 27.30 -4.90 -21.69
C SER A 426 27.86 -4.66 -20.29
N GLY A 427 27.10 -4.96 -19.25
CA GLY A 427 27.43 -4.62 -17.85
C GLY A 427 27.93 -5.84 -17.10
N LEU A 428 27.40 -6.04 -15.89
CA LEU A 428 27.73 -7.22 -15.03
C LEU A 428 26.49 -8.04 -14.81
N LYS A 429 26.65 -9.34 -14.92
CA LYS A 429 25.56 -10.34 -14.81
C LYS A 429 26.01 -11.48 -13.90
N ASP A 430 25.10 -12.39 -13.57
CA ASP A 430 25.46 -13.64 -12.85
C ASP A 430 24.78 -14.85 -13.51
N VAL A 431 23.92 -14.63 -14.49
CA VAL A 431 23.38 -15.68 -15.38
C VAL A 431 23.66 -15.29 -16.83
N VAL A 432 23.96 -16.25 -17.71
CA VAL A 432 24.03 -15.95 -19.15
C VAL A 432 23.44 -17.12 -19.93
N TRP A 433 22.62 -16.80 -20.92
CA TRP A 433 21.86 -17.80 -21.71
C TRP A 433 22.73 -18.39 -22.81
N LEU A 434 23.00 -19.69 -22.72
CA LEU A 434 23.56 -20.46 -23.87
C LEU A 434 22.38 -20.95 -24.69
N GLY A 435 22.04 -20.20 -25.74
CA GLY A 435 21.04 -20.60 -26.74
C GLY A 435 21.54 -21.80 -27.53
N ARG A 436 20.78 -22.24 -28.52
CA ARG A 436 21.17 -23.40 -29.34
C ARG A 436 22.59 -23.17 -29.85
N ARG A 437 23.46 -24.12 -29.55
CA ARG A 437 24.84 -24.21 -30.11
C ARG A 437 25.64 -22.97 -29.72
N GLU A 438 25.34 -22.38 -28.56
CA GLU A 438 26.03 -21.14 -28.15
C GLU A 438 27.18 -21.47 -27.19
N THR A 439 28.28 -20.75 -27.37
CA THR A 439 29.43 -20.77 -26.42
C THR A 439 29.63 -19.33 -25.95
N VAL A 440 29.67 -19.14 -24.64
CA VAL A 440 29.85 -17.79 -24.06
C VAL A 440 31.08 -17.81 -23.16
N VAL A 441 31.95 -16.82 -23.33
CA VAL A 441 33.08 -16.63 -22.38
C VAL A 441 32.66 -15.52 -21.43
N VAL A 442 32.75 -15.80 -20.13
CA VAL A 442 32.53 -14.80 -19.06
C VAL A 442 33.83 -14.66 -18.28
N GLU A 443 33.98 -13.50 -17.65
CA GLU A 443 35.23 -13.08 -16.96
C GLU A 443 34.77 -12.58 -15.60
N ALA A 444 35.28 -13.18 -14.53
CA ALA A 444 34.80 -12.88 -13.17
C ALA A 444 36.00 -12.82 -12.22
N HIS A 445 35.90 -11.92 -11.25
CA HIS A 445 36.80 -11.82 -10.09
C HIS A 445 36.26 -12.73 -8.99
N TYR A 446 37.00 -13.78 -8.64
CA TYR A 446 36.58 -14.83 -7.66
C TYR A 446 36.97 -14.29 -6.30
N ALA A 447 36.12 -13.39 -5.80
CA ALA A 447 36.36 -12.53 -4.61
C ALA A 447 35.01 -12.04 -4.08
N PRO A 448 34.95 -11.56 -2.82
CA PRO A 448 36.10 -11.52 -1.92
C PRO A 448 36.23 -12.62 -0.85
N PHE A 449 35.29 -13.57 -0.84
CA PHE A 449 35.16 -14.59 0.23
C PHE A 449 35.56 -15.97 -0.27
N PRO A 450 36.42 -16.70 0.49
CA PRO A 450 36.68 -18.10 0.16
C PRO A 450 35.50 -18.98 0.59
N GLY A 451 35.32 -20.09 -0.12
CA GLY A 451 34.31 -21.10 0.24
C GLY A 451 33.92 -21.93 -0.96
N VAL A 452 33.14 -22.97 -0.71
CA VAL A 452 32.65 -23.84 -1.80
C VAL A 452 31.30 -23.31 -2.24
N TYR A 453 31.16 -23.13 -3.54
CA TYR A 453 29.99 -22.50 -4.20
C TYR A 453 29.58 -23.35 -5.43
N MET A 454 28.30 -23.24 -5.79
CA MET A 454 27.65 -23.98 -6.88
C MET A 454 27.72 -23.13 -8.14
N PHE A 455 27.71 -23.79 -9.29
CA PHE A 455 27.40 -23.19 -10.61
C PHE A 455 26.64 -24.29 -11.35
N HIS A 456 25.75 -23.87 -12.23
CA HIS A 456 24.76 -24.78 -12.81
C HIS A 456 23.96 -24.04 -13.86
N CYS A 457 23.25 -24.84 -14.62
CA CYS A 457 22.12 -24.39 -15.44
C CYS A 457 20.97 -24.00 -14.48
N HIS A 458 20.22 -22.94 -14.79
CA HIS A 458 19.06 -22.46 -14.01
C HIS A 458 17.75 -22.82 -14.72
N ASN A 459 17.78 -23.66 -15.76
CA ASN A 459 16.60 -24.51 -16.10
C ASN A 459 16.43 -25.51 -14.95
N LEU A 460 15.39 -25.38 -14.13
CA LEU A 460 15.38 -26.04 -12.80
C LEU A 460 15.23 -27.56 -13.02
N ILE A 461 14.63 -27.98 -14.14
CA ILE A 461 14.55 -29.43 -14.48
C ILE A 461 15.97 -29.91 -14.75
N HIS A 462 16.76 -29.15 -15.50
CA HIS A 462 18.15 -29.57 -15.78
C HIS A 462 18.95 -29.62 -14.48
N GLU A 463 18.77 -28.60 -13.66
CA GLU A 463 19.51 -28.41 -12.38
C GLU A 463 19.24 -29.62 -11.46
N ASP A 464 17.97 -30.01 -11.33
CA ASP A 464 17.50 -31.14 -10.48
C ASP A 464 18.04 -32.46 -11.07
N HIS A 465 18.37 -32.54 -12.35
CA HIS A 465 18.70 -33.86 -12.94
C HIS A 465 19.76 -33.81 -14.03
N ASP A 466 20.98 -33.34 -13.75
CA ASP A 466 21.52 -32.96 -12.47
C ASP A 466 22.66 -31.98 -12.78
N MET A 467 22.34 -30.94 -13.56
CA MET A 467 23.34 -30.12 -14.28
C MET A 467 23.88 -29.01 -13.36
N MET A 468 24.68 -29.44 -12.38
CA MET A 468 25.19 -28.57 -11.31
C MET A 468 26.49 -29.14 -10.75
N ALA A 469 27.45 -28.27 -10.49
CA ALA A 469 28.78 -28.61 -9.97
C ALA A 469 29.20 -27.53 -8.97
N ALA A 470 30.44 -27.61 -8.49
CA ALA A 470 30.94 -26.75 -7.41
C ALA A 470 32.32 -26.26 -7.78
N PHE A 471 32.68 -25.09 -7.26
CA PHE A 471 34.05 -24.54 -7.27
C PHE A 471 34.38 -24.19 -5.84
N ASN A 472 35.67 -24.18 -5.57
CA ASN A 472 36.24 -23.79 -4.26
C ASN A 472 37.10 -22.56 -4.50
N ALA A 473 36.63 -21.43 -4.02
CA ALA A 473 37.42 -20.18 -3.95
C ALA A 473 38.31 -20.34 -2.73
N THR A 474 39.61 -20.60 -2.94
CA THR A 474 40.54 -21.12 -1.91
C THR A 474 41.39 -20.01 -1.30
N VAL A 475 41.82 -20.21 -0.07
CA VAL A 475 42.84 -19.37 0.62
C VAL A 475 43.91 -20.25 1.23
N LEU A 476 45.11 -19.65 1.37
CA LEU A 476 46.25 -20.21 2.12
C LEU A 476 45.91 -20.21 3.60
N PRO A 477 46.53 -21.08 4.40
CA PRO A 477 46.18 -21.21 5.83
C PRO A 477 46.50 -20.00 6.73
N ASP A 478 47.36 -19.06 6.31
CA ASP A 478 47.60 -17.80 7.07
C ASP A 478 46.52 -16.75 6.73
N TYR A 479 45.57 -17.03 5.83
CA TYR A 479 44.50 -16.05 5.49
C TYR A 479 43.60 -15.98 6.72
N GLY A 480 43.23 -14.79 7.15
CA GLY A 480 42.53 -14.77 8.46
C GLY A 480 41.02 -14.89 8.30
N TYR A 481 40.31 -13.96 8.90
CA TYR A 481 38.88 -13.70 8.64
C TYR A 481 38.05 -14.91 9.03
N ASN A 482 38.53 -15.70 9.99
CA ASN A 482 37.76 -16.85 10.49
C ASN A 482 37.41 -17.77 9.32
N ALA A 483 38.26 -17.86 8.30
CA ALA A 483 37.91 -18.63 7.09
C ALA A 483 37.62 -20.09 7.45
N THR A 484 38.28 -20.66 8.45
CA THR A 484 38.11 -22.09 8.82
C THR A 484 36.64 -22.36 9.12
N VAL A 485 35.86 -21.38 9.62
CA VAL A 485 34.41 -21.62 9.94
C VAL A 485 33.48 -21.12 8.82
N PHE A 486 33.97 -20.52 7.75
CA PHE A 486 33.08 -19.95 6.71
C PHE A 486 33.32 -20.58 5.33
N VAL A 487 34.32 -21.47 5.13
CA VAL A 487 34.58 -22.05 3.78
C VAL A 487 33.61 -23.20 3.50
N ASP A 488 33.11 -23.87 4.54
CA ASP A 488 32.36 -25.15 4.43
C ASP A 488 30.88 -24.85 4.52
N PRO A 489 30.08 -25.05 3.43
CA PRO A 489 28.65 -24.75 3.47
C PRO A 489 27.93 -25.58 4.54
N MET A 490 28.48 -26.74 4.90
CA MET A 490 27.80 -27.67 5.86
C MET A 490 28.33 -27.45 7.29
N GLU A 491 29.08 -26.38 7.52
CA GLU A 491 29.69 -26.07 8.85
C GLU A 491 28.62 -26.20 9.94
N GLU A 492 28.88 -26.99 10.99
CA GLU A 492 27.87 -27.29 12.04
C GLU A 492 27.35 -26.01 12.67
N LEU A 493 28.21 -25.01 12.91
CA LEU A 493 27.80 -23.73 13.57
C LEU A 493 26.55 -23.15 12.91
N TRP A 494 26.41 -23.23 11.58
CA TRP A 494 25.39 -22.48 10.80
C TRP A 494 24.20 -23.39 10.37
N GLN A 495 24.12 -24.62 10.89
CA GLN A 495 23.10 -25.58 10.43
C GLN A 495 21.73 -25.20 10.97
N ALA A 496 20.68 -25.70 10.31
CA ALA A 496 19.28 -25.52 10.73
C ALA A 496 19.11 -26.10 12.12
N ARG A 497 18.09 -25.63 12.86
CA ARG A 497 17.77 -26.06 14.25
C ARG A 497 16.27 -26.32 14.35
N PRO A 498 15.87 -27.35 15.12
CA PRO A 498 14.46 -27.68 15.32
C PRO A 498 13.80 -26.60 16.19
N TYR A 499 12.50 -26.44 16.00
CA TYR A 499 11.65 -25.48 16.76
C TYR A 499 10.29 -26.15 17.02
N GLU A 500 9.64 -25.72 18.10
CA GLU A 500 8.22 -26.02 18.42
C GLU A 500 7.33 -24.90 17.88
N LEU A 501 6.23 -25.23 17.22
CA LEU A 501 5.37 -24.23 16.53
C LEU A 501 4.80 -23.25 17.56
N GLY A 502 4.49 -23.71 18.79
CA GLY A 502 3.95 -22.84 19.85
C GLY A 502 4.90 -21.73 20.20
N GLU A 503 6.17 -22.09 20.37
CA GLU A 503 7.31 -21.15 20.58
CA GLU A 503 7.27 -21.13 20.61
C GLU A 503 7.24 -20.06 19.51
N PHE A 504 7.18 -20.46 18.24
CA PHE A 504 7.10 -19.51 17.09
C PHE A 504 5.87 -18.63 17.24
N GLN A 505 4.70 -19.22 17.46
CA GLN A 505 3.40 -18.50 17.49
C GLN A 505 3.35 -17.53 18.67
N ALA A 506 4.02 -17.83 19.79
CA ALA A 506 4.00 -17.03 21.03
C ALA A 506 5.20 -16.08 21.07
N GLN A 507 6.14 -16.25 20.14
CA GLN A 507 7.42 -15.51 20.12
C GLN A 507 8.08 -15.70 21.49
N SER A 508 8.18 -16.95 21.93
CA SER A 508 8.74 -17.36 23.24
C SER A 508 9.92 -18.28 22.96
N GLY A 509 10.64 -18.68 24.02
CA GLY A 509 11.79 -19.60 23.96
C GLY A 509 12.84 -19.08 22.99
N GLN A 510 13.12 -19.83 21.93
CA GLN A 510 14.24 -19.46 21.04
C GLN A 510 13.78 -18.37 20.06
N PHE A 511 12.52 -17.93 20.16
CA PHE A 511 11.97 -16.79 19.39
C PHE A 511 11.71 -15.62 20.32
N SER A 512 12.09 -15.73 21.58
CA SER A 512 12.06 -14.56 22.51
C SER A 512 13.01 -13.46 21.99
N VAL A 513 12.87 -12.22 22.46
CA VAL A 513 13.77 -11.10 22.07
C VAL A 513 15.18 -11.38 22.56
N GLN A 514 15.28 -11.86 23.80
CA GLN A 514 16.56 -12.23 24.44
C GLN A 514 17.24 -13.30 23.58
N ALA A 515 16.53 -14.36 23.16
CA ALA A 515 17.17 -15.53 22.51
C ALA A 515 17.66 -15.12 21.12
N VAL A 516 16.81 -14.46 20.32
CA VAL A 516 17.19 -13.91 18.97
C VAL A 516 18.39 -12.96 19.13
N THR A 517 18.33 -12.03 20.09
CA THR A 517 19.42 -11.06 20.31
C THR A 517 20.75 -11.79 20.60
N GLU A 518 20.76 -12.73 21.54
CA GLU A 518 21.98 -13.50 21.88
C GLU A 518 22.45 -14.27 20.64
N ARG A 519 21.55 -14.91 19.89
CA ARG A 519 21.94 -15.73 18.71
CA ARG A 519 21.95 -15.74 18.72
C ARG A 519 22.62 -14.83 17.67
N ILE A 520 21.96 -13.73 17.27
CA ILE A 520 22.50 -12.82 16.21
CA ILE A 520 22.52 -12.85 16.19
C ILE A 520 23.82 -12.19 16.69
N GLN A 521 23.92 -11.81 17.95
CA GLN A 521 25.17 -11.17 18.46
C GLN A 521 26.31 -12.20 18.38
N THR A 522 26.05 -13.45 18.74
CA THR A 522 27.08 -14.53 18.69
C THR A 522 27.51 -14.73 17.23
N MET A 523 26.54 -14.81 16.30
CA MET A 523 26.82 -14.93 14.84
C MET A 523 27.70 -13.74 14.41
N ALA A 524 27.37 -12.52 14.87
CA ALA A 524 28.00 -11.28 14.38
C ALA A 524 29.47 -11.26 14.82
N GLU A 525 29.77 -11.87 15.96
CA GLU A 525 31.15 -11.84 16.51
CA GLU A 525 31.15 -11.90 16.53
C GLU A 525 32.14 -12.54 15.56
N TYR A 526 31.67 -13.51 14.79
CA TYR A 526 32.53 -14.29 13.86
C TYR A 526 32.90 -13.43 12.65
N ARG A 527 32.21 -12.30 12.42
CA ARG A 527 32.61 -11.27 11.40
C ARG A 527 32.64 -11.88 9.99
N PRO A 528 31.51 -12.38 9.48
CA PRO A 528 31.49 -13.12 8.23
C PRO A 528 31.86 -12.27 7.00
N TYR A 529 31.59 -10.96 7.03
CA TYR A 529 31.65 -10.14 5.79
C TYR A 529 32.78 -9.10 5.85
N ALA A 530 33.71 -9.22 6.81
CA ALA A 530 34.75 -8.22 7.14
C ALA A 530 35.69 -8.03 5.95
N ALA A 531 35.95 -9.07 5.16
CA ALA A 531 36.89 -8.98 4.02
C ALA A 531 36.30 -8.15 2.87
N ALA A 532 35.00 -7.82 2.89
CA ALA A 532 34.40 -6.94 1.89
C ALA A 532 34.34 -5.47 2.37
N ASP A 533 34.81 -5.15 3.58
CA ASP A 533 34.84 -3.74 4.08
C ASP A 533 35.73 -2.90 3.13
N GLU A 534 35.29 -1.68 2.81
CA GLU A 534 35.72 -0.83 1.64
C GLU A 534 35.87 -1.62 0.33
N VAL B 1 -22.74 1.47 32.68
CA VAL B 1 -23.83 0.48 32.89
C VAL B 1 -23.57 -0.77 32.01
N ALA B 2 -24.27 -1.87 32.28
CA ALA B 2 -24.01 -3.19 31.65
C ALA B 2 -24.00 -3.01 30.13
N GLN B 3 -23.05 -3.63 29.46
CA GLN B 3 -23.03 -3.63 27.98
C GLN B 3 -24.27 -4.40 27.53
N ILE B 4 -24.91 -4.00 26.42
CA ILE B 4 -26.13 -4.67 25.85
C ILE B 4 -25.69 -5.56 24.69
N SER B 5 -24.80 -5.07 23.84
CA SER B 5 -24.23 -5.84 22.70
C SER B 5 -23.51 -7.07 23.23
N PRO B 6 -23.43 -8.15 22.43
CA PRO B 6 -22.70 -9.35 22.84
C PRO B 6 -21.24 -9.04 23.20
N GLN B 7 -20.68 -9.82 24.13
CA GLN B 7 -19.24 -9.78 24.45
C GLN B 7 -18.46 -9.96 23.15
N TYR B 8 -17.44 -9.11 22.95
CA TYR B 8 -16.60 -9.02 21.73
C TYR B 8 -15.16 -9.40 22.11
N PRO B 9 -14.43 -10.11 21.22
CA PRO B 9 -13.00 -10.41 21.42
C PRO B 9 -12.03 -9.20 21.31
N MET B 10 -11.89 -8.51 22.44
CA MET B 10 -11.31 -7.16 22.52
C MET B 10 -9.86 -7.17 22.01
N PHE B 11 -9.52 -6.23 21.11
CA PHE B 11 -8.13 -5.99 20.68
C PHE B 11 -7.50 -7.24 20.03
N THR B 12 -8.26 -7.94 19.18
CA THR B 12 -7.80 -9.17 18.48
C THR B 12 -7.76 -8.94 16.95
N VAL B 13 -8.42 -7.91 16.43
CA VAL B 13 -8.38 -7.65 14.97
C VAL B 13 -7.54 -6.40 14.68
N PRO B 14 -6.70 -6.45 13.62
CA PRO B 14 -5.85 -5.31 13.28
C PRO B 14 -6.68 -4.13 12.77
N LEU B 15 -6.18 -2.92 13.03
CA LEU B 15 -6.83 -1.68 12.59
C LEU B 15 -6.92 -1.73 11.08
N PRO B 16 -8.13 -1.76 10.46
CA PRO B 16 -8.24 -1.67 9.01
C PRO B 16 -7.88 -0.24 8.57
N ILE B 17 -7.28 -0.11 7.39
CA ILE B 17 -7.00 1.22 6.78
C ILE B 17 -7.81 1.29 5.50
N PRO B 18 -8.78 2.21 5.39
CA PRO B 18 -9.57 2.29 4.17
C PRO B 18 -8.66 2.52 2.97
N PRO B 19 -8.92 1.88 1.81
CA PRO B 19 -8.07 2.07 0.63
C PRO B 19 -8.30 3.45 0.02
N VAL B 20 -7.32 3.93 -0.75
CA VAL B 20 -7.36 5.26 -1.39
C VAL B 20 -8.23 5.07 -2.64
N LYS B 21 -9.24 5.93 -2.78
CA LYS B 21 -10.08 5.98 -4.00
C LYS B 21 -9.26 6.58 -5.14
N GLN B 22 -9.09 5.85 -6.24
CA GLN B 22 -8.47 6.32 -7.51
C GLN B 22 -9.57 6.93 -8.39
N PRO B 23 -9.28 8.05 -9.08
CA PRO B 23 -10.20 8.56 -10.09
C PRO B 23 -10.26 7.58 -11.28
N ARG B 24 -11.39 7.60 -11.99
CA ARG B 24 -11.56 6.77 -13.21
C ARG B 24 -10.84 7.46 -14.38
N LEU B 25 -10.94 8.78 -14.48
CA LEU B 25 -10.35 9.52 -15.61
CA LEU B 25 -10.65 9.58 -15.70
C LEU B 25 -10.24 11.00 -15.26
N THR B 26 -9.55 11.74 -16.12
CA THR B 26 -9.40 13.21 -15.97
C THR B 26 -10.08 13.82 -17.18
N VAL B 27 -10.68 14.98 -16.94
CA VAL B 27 -11.33 15.79 -17.98
C VAL B 27 -10.63 17.15 -17.98
N THR B 28 -10.27 17.65 -19.16
CA THR B 28 -9.68 18.98 -19.37
C THR B 28 -10.78 20.01 -19.21
N ASN B 29 -10.58 20.94 -18.28
CA ASN B 29 -11.42 22.14 -18.11
C ASN B 29 -11.15 23.07 -19.29
N PRO B 30 -12.14 23.36 -20.17
CA PRO B 30 -11.89 24.23 -21.32
C PRO B 30 -11.66 25.69 -20.92
N VAL B 31 -12.06 26.08 -19.72
CA VAL B 31 -11.84 27.48 -19.23
C VAL B 31 -10.35 27.75 -19.04
N ASN B 32 -9.57 26.85 -18.43
CA ASN B 32 -8.16 27.13 -18.02
C ASN B 32 -7.17 26.03 -18.46
N GLY B 33 -7.62 24.98 -19.14
CA GLY B 33 -6.80 23.85 -19.62
C GLY B 33 -6.38 22.91 -18.52
N GLN B 34 -6.97 22.97 -17.33
CA GLN B 34 -6.48 22.15 -16.20
C GLN B 34 -7.33 20.88 -16.04
N GLU B 35 -6.69 19.83 -15.56
CA GLU B 35 -7.36 18.51 -15.43
C GLU B 35 -8.28 18.55 -14.22
N ILE B 36 -9.55 18.19 -14.42
CA ILE B 36 -10.53 17.85 -13.36
C ILE B 36 -10.48 16.34 -13.16
N TRP B 37 -10.26 15.85 -11.93
CA TRP B 37 -10.32 14.39 -11.66
C TRP B 37 -11.77 13.92 -11.44
N TYR B 38 -12.14 12.89 -12.17
CA TYR B 38 -13.50 12.31 -12.18
C TYR B 38 -13.47 10.95 -11.50
N TYR B 39 -14.38 10.78 -10.55
CA TYR B 39 -14.53 9.55 -9.76
C TYR B 39 -15.97 9.04 -9.87
N GLU B 40 -16.17 7.76 -9.59
CA GLU B 40 -17.51 7.12 -9.49
C GLU B 40 -17.58 6.33 -8.17
N VAL B 41 -18.64 6.54 -7.41
CA VAL B 41 -18.86 5.82 -6.12
C VAL B 41 -20.25 5.22 -6.18
N GLU B 42 -20.33 3.92 -5.95
CA GLU B 42 -21.61 3.16 -5.96
C GLU B 42 -22.06 2.93 -4.52
N ILE B 43 -23.16 3.56 -4.16
CA ILE B 43 -23.79 3.33 -2.83
C ILE B 43 -24.57 2.01 -2.95
N LYS B 44 -24.19 1.00 -2.19
CA LYS B 44 -24.73 -0.37 -2.39
C LYS B 44 -24.82 -1.08 -1.05
N PRO B 45 -25.82 -1.97 -0.87
CA PRO B 45 -25.86 -2.84 0.30
C PRO B 45 -24.75 -3.91 0.26
N PHE B 46 -24.28 -4.28 1.44
CA PHE B 46 -23.30 -5.35 1.65
C PHE B 46 -23.47 -5.87 3.07
N THR B 47 -22.88 -7.00 3.41
CA THR B 47 -22.86 -7.53 4.80
C THR B 47 -21.41 -7.63 5.26
N HIS B 48 -21.19 -7.59 6.56
CA HIS B 48 -19.84 -7.72 7.15
C HIS B 48 -19.97 -8.54 8.42
N GLN B 49 -19.15 -9.57 8.58
CA GLN B 49 -19.08 -10.40 9.80
CA GLN B 49 -19.12 -10.38 9.82
C GLN B 49 -18.30 -9.62 10.86
N VAL B 50 -18.96 -8.81 11.68
CA VAL B 50 -18.29 -8.00 12.74
C VAL B 50 -17.92 -8.94 13.89
N TYR B 51 -18.84 -9.77 14.35
CA TYR B 51 -18.56 -10.76 15.43
C TYR B 51 -18.18 -12.07 14.77
N PRO B 52 -16.98 -12.63 15.04
CA PRO B 52 -16.54 -13.86 14.38
C PRO B 52 -17.46 -15.09 14.55
N ASP B 53 -18.16 -15.21 15.69
CA ASP B 53 -18.91 -16.43 16.05
C ASP B 53 -20.40 -16.26 15.78
N LEU B 54 -20.87 -15.12 15.27
CA LEU B 54 -22.32 -14.81 15.12
C LEU B 54 -22.66 -14.64 13.64
N GLY B 55 -23.85 -14.14 13.34
CA GLY B 55 -24.26 -13.70 12.00
C GLY B 55 -23.53 -12.44 11.57
N SER B 56 -23.90 -11.91 10.41
CA SER B 56 -23.30 -10.69 9.81
CA SER B 56 -23.29 -10.68 9.83
C SER B 56 -24.21 -9.48 10.08
N ALA B 57 -23.65 -8.27 9.94
CA ALA B 57 -24.40 -7.00 10.05
C ALA B 57 -24.74 -6.51 8.64
N ASP B 58 -25.93 -5.95 8.44
CA ASP B 58 -26.38 -5.36 7.16
C ASP B 58 -25.92 -3.91 7.13
N LEU B 59 -25.13 -3.57 6.12
CA LEU B 59 -24.58 -2.20 5.91
C LEU B 59 -24.97 -1.70 4.52
N VAL B 60 -24.95 -0.39 4.37
CA VAL B 60 -24.96 0.30 3.04
C VAL B 60 -23.81 1.33 3.06
N GLY B 61 -22.90 1.21 2.09
CA GLY B 61 -21.64 1.95 2.02
C GLY B 61 -21.31 2.49 0.63
N TYR B 62 -20.51 3.57 0.63
CA TYR B 62 -19.77 4.06 -0.56
C TYR B 62 -18.88 2.92 -1.07
N ASP B 63 -19.11 2.50 -2.32
CA ASP B 63 -18.41 1.34 -2.95
C ASP B 63 -18.53 0.09 -2.06
N GLY B 64 -19.68 -0.12 -1.40
CA GLY B 64 -19.96 -1.34 -0.63
C GLY B 64 -18.90 -1.62 0.42
N SME B 65 -18.39 -0.57 1.08
CA SME B 65 -17.53 -0.75 2.24
CB SME B 65 -16.05 -0.71 1.85
CG SME B 65 -15.59 0.62 1.26
S SME B 65 -13.96 0.60 0.50
OE SME B 65 -14.11 -0.26 -0.79
CE SME B 65 -13.08 -0.48 1.58
C SME B 65 -17.80 0.36 3.26
O SME B 65 -18.35 1.41 2.92
N SER B 66 -17.44 0.08 4.51
CA SER B 66 -17.51 1.04 5.60
C SER B 66 -16.25 0.95 6.43
N PRO B 67 -15.54 2.07 6.69
CA PRO B 67 -15.80 3.35 6.04
C PRO B 67 -15.71 3.31 4.51
N GLY B 68 -16.17 4.39 3.89
CA GLY B 68 -15.99 4.59 2.45
C GLY B 68 -14.49 4.73 2.17
N PRO B 69 -14.07 4.56 0.91
CA PRO B 69 -12.65 4.69 0.58
C PRO B 69 -12.19 6.14 0.79
N THR B 70 -10.90 6.30 1.03
CA THR B 70 -10.28 7.58 1.42
C THR B 70 -9.95 8.30 0.13
N PHE B 71 -10.45 9.53 -0.06
CA PHE B 71 -10.01 10.44 -1.14
C PHE B 71 -8.73 11.14 -0.69
N GLN B 72 -7.86 11.41 -1.66
CA GLN B 72 -6.54 12.09 -1.47
C GLN B 72 -6.36 13.04 -2.65
N VAL B 73 -6.65 14.31 -2.43
CA VAL B 73 -6.76 15.35 -3.49
C VAL B 73 -5.84 16.51 -3.15
N PRO B 74 -4.93 16.91 -4.05
CA PRO B 74 -4.08 18.08 -3.85
C PRO B 74 -4.86 19.38 -4.05
N ARG B 75 -4.50 20.41 -3.26
CA ARG B 75 -5.08 21.77 -3.41
CA ARG B 75 -5.05 21.77 -3.41
C ARG B 75 -4.93 22.22 -4.86
N GLY B 76 -5.98 22.85 -5.39
CA GLY B 76 -5.95 23.39 -6.76
C GLY B 76 -6.50 22.41 -7.78
N VAL B 77 -6.72 21.13 -7.45
CA VAL B 77 -7.33 20.19 -8.42
C VAL B 77 -8.84 20.08 -8.18
N GLU B 78 -9.65 20.49 -9.14
CA GLU B 78 -11.11 20.29 -9.03
C GLU B 78 -11.41 18.80 -9.22
N THR B 79 -12.42 18.31 -8.50
CA THR B 79 -12.89 16.91 -8.61
C THR B 79 -14.37 16.93 -8.91
N VAL B 80 -14.81 15.94 -9.69
CA VAL B 80 -16.23 15.55 -9.86
C VAL B 80 -16.33 14.12 -9.39
N VAL B 81 -17.20 13.88 -8.41
CA VAL B 81 -17.53 12.52 -7.92
C VAL B 81 -18.97 12.21 -8.29
N ARG B 82 -19.17 11.20 -9.13
CA ARG B 82 -20.52 10.70 -9.47
C ARG B 82 -20.91 9.70 -8.38
N PHE B 83 -21.80 10.10 -7.49
CA PHE B 83 -22.34 9.23 -6.42
C PHE B 83 -23.62 8.60 -6.97
N ILE B 84 -23.51 7.29 -7.15
CA ILE B 84 -24.52 6.42 -7.82
C ILE B 84 -25.29 5.66 -6.74
N ASN B 85 -26.58 5.93 -6.60
CA ASN B 85 -27.45 5.24 -5.61
C ASN B 85 -27.89 3.92 -6.24
N ASN B 86 -27.39 2.83 -5.67
CA ASN B 86 -27.82 1.45 -6.00
C ASN B 86 -28.21 0.76 -4.69
N ALA B 87 -28.96 1.48 -3.86
CA ALA B 87 -29.40 1.03 -2.52
C ALA B 87 -30.93 1.09 -2.38
N GLU B 88 -31.43 1.09 -1.16
CA GLU B 88 -32.88 0.93 -0.86
C GLU B 88 -33.52 2.26 -0.46
N ALA B 89 -32.72 3.27 -0.11
CA ALA B 89 -33.24 4.56 0.41
C ALA B 89 -32.47 5.69 -0.26
N PRO B 90 -33.02 6.91 -0.27
CA PRO B 90 -32.33 8.03 -0.89
C PRO B 90 -31.05 8.42 -0.11
N ASN B 91 -30.21 9.20 -0.79
CA ASN B 91 -28.95 9.74 -0.23
C ASN B 91 -28.81 11.19 -0.65
N SER B 92 -28.02 11.93 0.13
CA SER B 92 -27.56 13.30 -0.17
C SER B 92 -26.16 13.41 0.41
N VAL B 93 -25.16 13.56 -0.44
CA VAL B 93 -23.72 13.51 -0.04
C VAL B 93 -23.26 14.93 0.30
N HIS B 94 -22.70 15.05 1.49
CA HIS B 94 -22.07 16.30 1.96
C HIS B 94 -20.56 16.06 2.10
N LEU B 95 -19.76 16.86 1.44
CA LEU B 95 -18.31 16.93 1.73
C LEU B 95 -18.08 17.92 2.87
N HIS B 96 -17.95 17.43 4.10
CA HIS B 96 -17.87 18.27 5.34
C HIS B 96 -16.45 18.86 5.47
N GLY B 97 -16.34 20.19 5.46
CA GLY B 97 -15.03 20.89 5.45
C GLY B 97 -14.75 21.57 4.12
N SER B 98 -15.67 21.46 3.17
CA SER B 98 -15.55 22.05 1.82
C SER B 98 -16.56 23.17 1.63
N PHE B 99 -16.08 24.30 1.10
CA PHE B 99 -16.95 25.43 0.72
C PHE B 99 -17.51 25.14 -0.68
N SER B 100 -18.18 24.00 -0.82
CA SER B 100 -18.85 23.58 -2.08
C SER B 100 -19.97 24.58 -2.35
N ARG B 101 -20.34 24.76 -3.61
CA ARG B 101 -21.58 25.53 -3.94
C ARG B 101 -22.80 24.84 -3.34
N ALA B 102 -23.85 25.62 -3.08
CA ALA B 102 -25.08 25.14 -2.40
C ALA B 102 -25.58 23.80 -3.00
N ALA B 103 -25.62 23.65 -4.32
CA ALA B 103 -26.14 22.44 -5.02
C ALA B 103 -25.10 21.31 -5.09
N PHE B 104 -23.88 21.51 -4.61
CA PHE B 104 -22.90 20.41 -4.45
C PHE B 104 -22.57 20.16 -2.98
N ASP B 105 -23.39 20.62 -2.02
CA ASP B 105 -22.99 20.66 -0.60
C ASP B 105 -23.72 19.57 0.20
N GLY B 106 -24.65 18.82 -0.38
CA GLY B 106 -25.47 17.86 0.39
C GLY B 106 -26.59 18.54 1.18
N TRP B 107 -27.20 19.59 0.63
CA TRP B 107 -28.48 20.12 1.13
C TRP B 107 -29.42 18.93 1.42
N ALA B 108 -30.03 18.88 2.61
CA ALA B 108 -30.79 17.70 3.11
C ALA B 108 -31.94 17.30 2.16
N GLU B 109 -32.52 18.23 1.43
CA GLU B 109 -33.64 17.95 0.50
C GLU B 109 -33.08 17.59 -0.88
N ASP B 110 -31.80 17.84 -1.14
CA ASP B 110 -31.21 17.58 -2.49
C ASP B 110 -30.84 16.08 -2.60
N ILE B 111 -31.85 15.22 -2.65
CA ILE B 111 -31.69 13.75 -2.58
C ILE B 111 -31.51 13.15 -3.99
N THR B 112 -30.81 12.04 -3.98
CA THR B 112 -30.71 11.08 -5.09
C THR B 112 -31.49 9.84 -4.66
N GLU B 113 -32.42 9.41 -5.51
CA GLU B 113 -33.24 8.18 -5.30
C GLU B 113 -32.45 6.98 -5.81
N PRO B 114 -32.74 5.79 -5.26
CA PRO B 114 -32.24 4.56 -5.84
C PRO B 114 -32.54 4.56 -7.33
N GLY B 115 -31.57 4.17 -8.16
CA GLY B 115 -31.72 4.19 -9.63
C GLY B 115 -31.30 5.51 -10.23
N SER B 116 -30.83 6.43 -9.38
CA SER B 116 -30.33 7.76 -9.83
C SER B 116 -28.89 8.00 -9.32
N PHE B 117 -28.22 8.94 -9.96
CA PHE B 117 -26.90 9.44 -9.54
C PHE B 117 -26.89 10.96 -9.61
N LYS B 118 -25.90 11.55 -8.96
CA LYS B 118 -25.62 13.01 -8.99
C LYS B 118 -24.11 13.24 -9.09
N ASP B 119 -23.76 14.18 -9.97
CA ASP B 119 -22.39 14.68 -10.15
C ASP B 119 -22.14 15.82 -9.15
N TYR B 120 -21.26 15.58 -8.20
CA TYR B 120 -20.83 16.62 -7.23
C TYR B 120 -19.49 17.21 -7.72
N TYR B 121 -19.44 18.53 -7.86
CA TYR B 121 -18.29 19.29 -8.39
C TYR B 121 -17.67 20.04 -7.20
N TYR B 122 -16.45 19.64 -6.82
CA TYR B 122 -15.72 20.13 -5.63
C TYR B 122 -14.56 21.01 -6.05
N PRO B 123 -14.29 22.09 -5.29
CA PRO B 123 -13.25 23.05 -5.63
C PRO B 123 -11.83 22.72 -5.15
N ASN B 124 -11.73 22.08 -3.97
CA ASN B 124 -10.46 21.68 -3.34
C ASN B 124 -9.47 22.87 -3.32
N ARG B 125 -9.89 24.05 -2.83
CA ARG B 125 -8.99 25.23 -2.85
C ARG B 125 -8.68 25.70 -1.43
N GLN B 126 -9.38 25.17 -0.43
CA GLN B 126 -9.13 25.54 0.99
C GLN B 126 -7.79 24.95 1.48
N SER B 127 -7.32 25.42 2.62
CA SER B 127 -6.10 24.98 3.33
C SER B 127 -6.13 23.46 3.52
N ALA B 128 -4.97 22.82 3.47
CA ALA B 128 -4.82 21.37 3.69
C ALA B 128 -5.57 21.00 4.97
N ARG B 129 -6.39 19.96 4.88
CA ARG B 129 -7.25 19.57 6.02
C ARG B 129 -7.80 18.16 5.78
N THR B 130 -8.31 17.60 6.86
CA THR B 130 -9.03 16.32 6.89
C THR B 130 -10.51 16.67 6.72
N LEU B 131 -11.05 16.46 5.53
CA LEU B 131 -12.51 16.53 5.30
C LEU B 131 -13.09 15.13 5.53
N TRP B 132 -14.42 15.05 5.53
CA TRP B 132 -15.11 13.74 5.44
C TRP B 132 -16.41 13.92 4.67
N TYR B 133 -16.76 12.89 3.92
CA TYR B 133 -17.97 12.86 3.06
C TYR B 133 -18.91 11.91 3.79
N HIS B 134 -20.17 12.31 3.89
CA HIS B 134 -21.16 11.48 4.64
C HIS B 134 -22.55 11.83 4.14
N ASP B 135 -23.50 10.95 4.40
CA ASP B 135 -24.88 11.14 3.92
C ASP B 135 -25.49 12.28 4.72
N HIS B 136 -26.43 12.99 4.11
CA HIS B 136 -27.10 14.18 4.72
C HIS B 136 -28.59 14.25 4.35
N ALA B 137 -29.22 13.15 3.93
CA ALA B 137 -30.61 13.14 3.42
C ALA B 137 -31.57 13.43 4.57
N MET B 138 -32.54 14.30 4.31
CA MET B 138 -33.51 14.82 5.29
C MET B 138 -34.13 13.65 6.09
N HIS B 139 -34.03 13.70 7.42
CA HIS B 139 -34.69 12.78 8.40
C HIS B 139 -34.08 11.38 8.45
N ILE B 140 -33.19 11.00 7.53
CA ILE B 140 -32.60 9.63 7.48
C ILE B 140 -31.06 9.71 7.55
N THR B 141 -30.49 10.85 7.94
CA THR B 141 -29.02 11.06 8.04
C THR B 141 -28.39 10.14 9.10
N ALA B 142 -28.96 10.04 10.29
CA ALA B 142 -28.40 9.20 11.37
C ALA B 142 -28.25 7.77 10.84
N GLU B 143 -29.33 7.19 10.32
CA GLU B 143 -29.32 5.77 9.90
C GLU B 143 -28.43 5.59 8.68
N ASN B 144 -28.49 6.47 7.67
CA ASN B 144 -27.57 6.37 6.50
C ASN B 144 -26.11 6.41 6.99
N ALA B 145 -25.77 7.29 7.93
CA ALA B 145 -24.38 7.44 8.41
C ALA B 145 -24.00 6.20 9.21
N TYR B 146 -24.88 5.77 10.12
CA TYR B 146 -24.73 4.59 11.00
C TYR B 146 -24.53 3.29 10.23
N ARG B 147 -25.21 3.14 9.09
CA ARG B 147 -25.13 1.89 8.29
C ARG B 147 -23.92 1.96 7.34
N GLY B 148 -23.18 3.06 7.31
CA GLY B 148 -21.84 3.04 6.71
C GLY B 148 -21.52 4.16 5.73
N GLN B 149 -22.42 5.12 5.50
CA GLN B 149 -22.19 6.20 4.51
C GLN B 149 -21.43 7.36 5.18
N ALA B 150 -20.15 7.10 5.41
CA ALA B 150 -19.12 8.07 5.84
C ALA B 150 -17.78 7.58 5.28
N GLY B 151 -16.94 8.51 4.81
CA GLY B 151 -15.53 8.22 4.48
C GLY B 151 -14.67 9.46 4.65
N LEU B 152 -13.37 9.28 4.52
CA LEU B 152 -12.39 10.38 4.73
C LEU B 152 -11.97 10.97 3.38
N TYR B 153 -11.67 12.27 3.38
CA TYR B 153 -11.26 13.03 2.16
C TYR B 153 -10.12 13.95 2.58
N MET B 154 -8.89 13.63 2.18
CA MET B 154 -7.71 14.43 2.59
C MET B 154 -7.37 15.43 1.49
N LEU B 155 -7.37 16.72 1.86
CA LEU B 155 -6.95 17.83 0.99
C LEU B 155 -5.50 18.09 1.37
N THR B 156 -4.58 17.83 0.46
CA THR B 156 -3.10 17.91 0.66
C THR B 156 -2.54 19.18 0.00
N ASP B 157 -1.37 19.57 0.47
CA ASP B 157 -0.66 20.77 0.00
C ASP B 157 0.83 20.52 0.21
N PRO B 158 1.66 20.70 -0.84
CA PRO B 158 3.11 20.47 -0.73
C PRO B 158 3.77 21.37 0.33
N ALA B 159 3.19 22.52 0.66
CA ALA B 159 3.71 23.40 1.73
C ALA B 159 3.58 22.74 3.11
N GLU B 160 2.51 21.97 3.36
CA GLU B 160 2.38 21.19 4.63
C GLU B 160 3.36 20.00 4.56
N ASP B 161 3.50 19.34 3.40
CA ASP B 161 4.41 18.17 3.23
C ASP B 161 5.83 18.61 3.61
N ALA B 162 6.19 19.88 3.37
CA ALA B 162 7.55 20.40 3.65
C ALA B 162 7.76 20.60 5.15
N LEU B 163 6.72 20.58 5.98
CA LEU B 163 6.86 20.63 7.46
C LEU B 163 7.55 19.34 7.97
N ASN B 164 7.51 18.27 7.16
CA ASN B 164 8.13 16.95 7.47
CA ASN B 164 8.10 16.93 7.43
C ASN B 164 7.48 16.36 8.73
N LEU B 165 6.16 16.45 8.83
CA LEU B 165 5.38 15.71 9.84
C LEU B 165 5.40 14.22 9.47
N PRO B 166 5.17 13.35 10.46
CA PRO B 166 5.08 11.92 10.19
C PRO B 166 4.11 11.78 9.01
N SER B 167 4.44 10.94 8.04
CA SER B 167 3.75 10.90 6.73
C SER B 167 3.57 9.47 6.26
N GLY B 168 2.88 9.35 5.13
CA GLY B 168 2.54 8.08 4.48
C GLY B 168 1.22 7.55 5.00
N TYR B 169 0.16 7.72 4.20
CA TYR B 169 -1.19 7.17 4.48
C TYR B 169 -1.03 5.68 4.78
N GLY B 170 -1.47 5.25 5.96
CA GLY B 170 -1.39 3.85 6.40
C GLY B 170 0.01 3.45 6.82
N GLU B 171 1.01 4.35 6.69
CA GLU B 171 2.39 4.12 7.17
CA GLU B 171 2.40 4.13 7.17
C GLU B 171 2.53 4.81 8.55
N PHE B 172 2.80 6.12 8.59
CA PHE B 172 2.92 6.89 9.87
C PHE B 172 1.88 8.01 9.96
N ASP B 173 0.96 8.05 8.99
CA ASP B 173 -0.21 8.94 8.88
C ASP B 173 -1.45 8.05 8.83
N ILE B 174 -2.10 7.94 9.97
CA ILE B 174 -3.10 6.87 10.21
C ILE B 174 -4.47 7.50 10.40
N PRO B 175 -5.49 7.13 9.60
CA PRO B 175 -6.85 7.60 9.86
C PRO B 175 -7.44 6.90 11.10
N MET B 176 -8.18 7.64 11.92
CA MET B 176 -8.82 7.14 13.16
C MET B 176 -10.26 7.61 13.19
N ILE B 177 -11.09 6.99 12.35
CA ILE B 177 -12.55 7.26 12.28
C ILE B 177 -13.23 6.53 13.46
N LEU B 178 -13.73 7.29 14.44
CA LEU B 178 -14.40 6.73 15.65
C LEU B 178 -15.92 6.59 15.41
N THR B 179 -16.48 5.43 15.71
CA THR B 179 -17.96 5.25 15.76
C THR B 179 -18.34 4.49 17.02
N SER B 180 -19.63 4.54 17.35
CA SER B 180 -20.21 3.98 18.58
C SER B 180 -21.57 3.41 18.18
N LYS B 181 -21.66 2.08 18.13
CA LYS B 181 -22.86 1.35 17.65
C LYS B 181 -23.29 0.33 18.70
N GLN B 182 -24.43 -0.30 18.44
CA GLN B 182 -25.00 -1.40 19.26
C GLN B 182 -25.36 -2.55 18.30
N TYR B 183 -25.11 -3.78 18.72
CA TYR B 183 -25.40 -5.00 17.94
C TYR B 183 -26.45 -5.85 18.65
N THR B 184 -27.22 -6.59 17.82
CA THR B 184 -28.21 -7.61 18.28
C THR B 184 -27.46 -8.84 18.77
N ALA B 185 -28.18 -9.78 19.40
CA ALA B 185 -27.63 -11.05 19.94
C ALA B 185 -26.99 -11.89 18.82
N ASN B 186 -27.43 -11.75 17.55
CA ASN B 186 -26.80 -12.55 16.45
CA ASN B 186 -26.90 -12.52 16.40
C ASN B 186 -26.00 -11.63 15.52
N GLY B 187 -25.53 -10.49 16.06
CA GLY B 187 -24.42 -9.70 15.47
C GLY B 187 -24.81 -8.80 14.31
N ASN B 188 -26.10 -8.54 14.13
CA ASN B 188 -26.54 -7.44 13.25
C ASN B 188 -26.47 -6.14 14.06
N LEU B 189 -26.64 -5.02 13.38
CA LEU B 189 -26.74 -3.69 14.01
C LEU B 189 -28.15 -3.52 14.57
N VAL B 190 -28.26 -2.87 15.72
CA VAL B 190 -29.53 -2.28 16.22
C VAL B 190 -29.76 -0.98 15.45
N THR B 191 -30.90 -0.85 14.79
CA THR B 191 -31.29 0.35 14.00
C THR B 191 -31.35 1.54 14.96
N THR B 192 -31.06 2.75 14.46
CA THR B 192 -31.27 4.01 15.20
C THR B 192 -32.70 4.46 15.01
N ASN B 193 -33.45 3.83 14.11
CA ASN B 193 -34.83 4.29 13.74
C ASN B 193 -35.70 4.24 14.99
N GLY B 194 -36.51 5.28 15.19
CA GLY B 194 -37.37 5.45 16.38
C GLY B 194 -36.66 6.06 17.58
N GLU B 195 -35.35 6.30 17.51
CA GLU B 195 -34.63 6.99 18.60
C GLU B 195 -34.83 8.50 18.40
N LEU B 196 -35.29 9.21 19.43
CA LEU B 196 -35.55 10.68 19.34
C LEU B 196 -34.67 11.47 20.31
N ASN B 197 -33.98 10.81 21.24
CA ASN B 197 -33.09 11.49 22.22
CA ASN B 197 -33.09 11.45 22.24
C ASN B 197 -31.63 11.38 21.75
N SER B 198 -31.00 10.20 21.83
CA SER B 198 -29.59 9.97 21.42
C SER B 198 -29.34 8.49 21.26
N PHE B 199 -28.51 8.13 20.30
CA PHE B 199 -28.11 6.72 20.08
C PHE B 199 -26.63 6.61 20.42
N TRP B 200 -26.35 6.26 21.66
CA TRP B 200 -24.97 6.34 22.22
C TRP B 200 -24.07 5.26 21.59
N GLY B 201 -24.57 4.02 21.51
CA GLY B 201 -23.82 2.80 21.16
C GLY B 201 -22.97 2.36 22.34
N ASP B 202 -22.71 1.05 22.45
CA ASP B 202 -21.89 0.48 23.55
C ASP B 202 -20.64 -0.20 22.98
N VAL B 203 -20.50 -0.27 21.64
CA VAL B 203 -19.33 -0.86 20.92
C VAL B 203 -18.58 0.26 20.20
N ILE B 204 -17.35 0.51 20.65
CA ILE B 204 -16.44 1.54 20.07
C ILE B 204 -15.70 0.92 18.89
N HIS B 205 -15.78 1.57 17.74
CA HIS B 205 -15.10 1.13 16.49
C HIS B 205 -14.02 2.16 16.14
N VAL B 206 -12.95 1.69 15.51
CA VAL B 206 -12.02 2.58 14.76
C VAL B 206 -12.00 2.05 13.32
N ASN B 207 -12.27 2.93 12.35
CA ASN B 207 -12.31 2.57 10.90
C ASN B 207 -13.23 1.35 10.72
N GLY B 208 -14.35 1.31 11.42
CA GLY B 208 -15.41 0.30 11.21
C GLY B 208 -15.19 -0.97 12.02
N GLN B 209 -14.11 -1.07 12.77
CA GLN B 209 -13.73 -2.32 13.45
C GLN B 209 -13.83 -2.13 14.97
N PRO B 210 -14.67 -2.91 15.67
CA PRO B 210 -14.73 -2.86 17.12
C PRO B 210 -13.35 -3.07 17.75
N TRP B 211 -13.03 -2.21 18.72
CA TRP B 211 -11.88 -2.39 19.64
C TRP B 211 -10.73 -3.14 18.96
N PRO B 212 -10.04 -2.52 17.98
CA PRO B 212 -8.90 -3.17 17.30
C PRO B 212 -7.56 -2.97 18.01
N PHE B 213 -6.52 -3.52 17.41
CA PHE B 213 -5.12 -3.19 17.77
C PHE B 213 -4.36 -2.84 16.50
N LYS B 214 -3.17 -2.25 16.71
CA LYS B 214 -2.18 -1.95 15.66
C LYS B 214 -0.79 -2.10 16.26
N ASN B 215 0.09 -2.78 15.56
CA ASN B 215 1.54 -2.82 15.84
C ASN B 215 2.14 -1.53 15.30
N VAL B 216 2.82 -0.81 16.19
CA VAL B 216 3.48 0.50 15.93
C VAL B 216 4.95 0.39 16.34
N GLU B 217 5.79 1.22 15.73
CA GLU B 217 7.21 1.36 16.13
C GLU B 217 7.35 2.47 17.18
N PRO B 218 8.40 2.40 18.01
CA PRO B 218 8.60 3.42 19.04
C PRO B 218 9.10 4.71 18.38
N ARG B 219 8.19 5.41 17.69
CA ARG B 219 8.47 6.69 17.01
C ARG B 219 7.16 7.47 16.83
N LYS B 220 7.23 8.56 16.08
CA LYS B 220 6.14 9.55 15.91
C LYS B 220 5.17 9.09 14.84
N TYR B 221 3.89 9.17 15.20
CA TYR B 221 2.76 8.92 14.27
C TYR B 221 1.86 10.16 14.23
N ARG B 222 1.34 10.42 13.03
CA ARG B 222 0.24 11.38 12.77
C ARG B 222 -1.07 10.60 12.79
N PHE B 223 -1.97 10.92 13.71
CA PHE B 223 -3.31 10.27 13.84
C PHE B 223 -4.40 11.25 13.44
N ARG B 224 -5.22 10.93 12.44
CA ARG B 224 -6.35 11.83 12.03
C ARG B 224 -7.64 11.36 12.69
N PHE B 225 -7.98 11.94 13.83
CA PHE B 225 -9.19 11.60 14.60
C PHE B 225 -10.40 12.31 13.97
N LEU B 226 -11.46 11.53 13.79
CA LEU B 226 -12.78 12.00 13.29
C LEU B 226 -13.85 11.31 14.15
N ASP B 227 -14.74 12.08 14.74
CA ASP B 227 -15.88 11.48 15.46
C ASP B 227 -17.03 11.36 14.46
N ALA B 228 -17.20 10.18 13.86
CA ALA B 228 -18.26 9.86 12.88
C ALA B 228 -19.46 9.17 13.58
N ALA B 229 -19.49 9.19 14.90
CA ALA B 229 -20.60 8.57 15.67
C ALA B 229 -21.89 9.36 15.44
N VAL B 230 -23.01 8.68 15.65
CA VAL B 230 -24.36 9.28 15.65
C VAL B 230 -24.46 10.29 16.82
N SER B 231 -24.12 9.88 18.05
CA SER B 231 -24.40 10.68 19.27
C SER B 231 -23.23 10.69 20.26
N ARG B 232 -22.23 9.83 20.11
CA ARG B 232 -21.19 9.71 21.16
C ARG B 232 -20.09 10.77 20.94
N SER B 233 -19.90 11.61 21.96
CA SER B 233 -18.73 12.49 22.17
C SER B 233 -17.65 11.72 22.97
N PHE B 234 -16.37 12.07 22.80
CA PHE B 234 -15.23 11.40 23.45
C PHE B 234 -14.31 12.40 24.19
N GLY B 235 -13.66 11.87 25.21
CA GLY B 235 -12.45 12.47 25.81
C GLY B 235 -11.30 11.48 25.72
N LEU B 236 -10.47 11.63 24.69
CA LEU B 236 -9.43 10.65 24.30
C LEU B 236 -8.19 10.87 25.16
N TYR B 237 -7.59 9.78 25.60
CA TYR B 237 -6.26 9.81 26.20
C TYR B 237 -5.56 8.49 25.91
N PHE B 238 -4.23 8.51 25.98
CA PHE B 238 -3.37 7.34 25.79
C PHE B 238 -2.80 6.97 27.15
N ALA B 239 -2.72 5.67 27.42
CA ALA B 239 -2.11 5.18 28.67
C ALA B 239 -1.42 3.85 28.44
N ASP B 240 -0.26 3.68 29.06
CA ASP B 240 0.46 2.39 29.17
C ASP B 240 -0.45 1.43 29.93
N THR B 241 -0.59 0.18 29.48
CA THR B 241 -1.42 -0.85 30.18
C THR B 241 -0.84 -1.16 31.56
N ASP B 242 0.43 -0.84 31.83
CA ASP B 242 1.07 -1.00 33.17
CA ASP B 242 1.07 -1.01 33.17
C ASP B 242 0.69 0.17 34.08
N ALA B 243 0.05 1.21 33.54
CA ALA B 243 -0.47 2.36 34.32
C ALA B 243 -1.65 2.98 33.58
N ILE B 244 -2.76 2.25 33.60
CA ILE B 244 -3.90 2.42 32.66
C ILE B 244 -4.58 3.77 32.92
N ASP B 245 -4.28 4.45 34.03
CA ASP B 245 -4.92 5.75 34.41
C ASP B 245 -3.98 6.94 34.20
N THR B 246 -2.69 6.70 33.92
CA THR B 246 -1.71 7.78 33.71
C THR B 246 -1.72 8.20 32.23
N ARG B 247 -2.18 9.41 31.99
CA ARG B 247 -2.39 9.96 30.63
C ARG B 247 -1.04 10.35 30.08
N LEU B 248 -0.74 9.93 28.87
CA LEU B 248 0.54 10.24 28.20
C LEU B 248 0.39 11.47 27.34
N PRO B 249 1.37 12.40 27.37
CA PRO B 249 1.26 13.64 26.61
C PRO B 249 1.37 13.42 25.09
N PHE B 250 0.68 14.26 24.34
CA PHE B 250 0.72 14.29 22.86
C PHE B 250 0.54 15.73 22.36
N LYS B 251 0.59 15.89 21.05
CA LYS B 251 0.48 17.20 20.39
C LYS B 251 -0.67 17.16 19.42
N VAL B 252 -1.58 18.12 19.52
CA VAL B 252 -2.60 18.38 18.47
C VAL B 252 -1.99 19.33 17.47
N ILE B 253 -2.04 19.00 16.19
CA ILE B 253 -1.40 19.82 15.13
C ILE B 253 -2.46 20.47 14.26
N ALA B 254 -3.69 19.98 14.29
CA ALA B 254 -4.73 20.40 13.32
C ALA B 254 -6.12 20.16 13.87
N SER B 255 -7.01 21.09 13.56
CA SER B 255 -8.46 21.11 13.86
C SER B 255 -9.21 20.95 12.53
N ASP B 256 -10.52 21.13 12.56
CA ASP B 256 -11.40 20.84 11.40
C ASP B 256 -10.82 21.44 10.13
N SER B 257 -10.39 22.69 10.22
CA SER B 257 -10.15 23.55 9.04
C SER B 257 -8.67 23.54 8.66
N GLY B 258 -7.82 22.82 9.41
CA GLY B 258 -6.39 22.69 9.07
C GLY B 258 -5.49 22.96 10.25
N LEU B 259 -4.20 23.24 9.99
CA LEU B 259 -3.14 23.24 11.03
C LEU B 259 -3.43 24.36 12.06
N LEU B 260 -3.19 24.09 13.33
CA LEU B 260 -3.05 25.15 14.35
C LEU B 260 -1.83 26.01 13.98
N GLU B 261 -1.73 27.17 14.64
CA GLU B 261 -0.58 28.11 14.55
C GLU B 261 0.69 27.42 15.11
N HIS B 262 0.53 26.77 16.26
CA HIS B 262 1.53 25.99 17.03
C HIS B 262 0.86 24.71 17.52
N PRO B 263 1.62 23.61 17.75
CA PRO B 263 1.07 22.42 18.35
C PRO B 263 0.56 22.76 19.76
N ALA B 264 -0.55 22.15 20.13
CA ALA B 264 -1.15 22.23 21.49
C ALA B 264 -0.73 20.99 22.26
N ASP B 265 0.06 21.16 23.30
CA ASP B 265 0.50 20.07 24.19
C ASP B 265 -0.72 19.64 24.98
N THR B 266 -1.06 18.37 24.92
CA THR B 266 -2.37 17.87 25.38
C THR B 266 -2.19 16.49 25.98
N SER B 267 -2.95 16.14 27.02
CA SER B 267 -3.04 14.74 27.49
C SER B 267 -4.49 14.22 27.49
N LEU B 268 -5.45 15.11 27.19
CA LEU B 268 -6.89 14.78 27.09
C LEU B 268 -7.51 15.55 25.91
N LEU B 269 -8.08 14.86 24.93
CA LEU B 269 -8.69 15.50 23.76
C LEU B 269 -10.19 15.30 23.77
N TYR B 270 -10.93 16.37 24.10
CA TYR B 270 -12.38 16.41 23.81
C TYR B 270 -12.57 16.38 22.30
N ILE B 271 -13.39 15.45 21.82
CA ILE B 271 -13.79 15.44 20.40
C ILE B 271 -15.25 14.99 20.32
N SER B 272 -16.13 15.81 19.73
CA SER B 272 -17.59 15.58 19.59
C SER B 272 -17.89 15.33 18.11
N MET B 273 -19.13 15.10 17.80
CA MET B 273 -19.53 14.59 16.46
C MET B 273 -19.10 15.59 15.36
N ALA B 274 -18.42 15.06 14.33
CA ALA B 274 -17.97 15.68 13.06
C ALA B 274 -16.70 16.53 13.27
N GLU B 275 -16.18 16.63 14.50
CA GLU B 275 -14.86 17.26 14.76
C GLU B 275 -13.73 16.37 14.19
N ARG B 276 -12.74 17.04 13.62
CA ARG B 276 -11.45 16.43 13.22
C ARG B 276 -10.37 17.10 14.04
N TYR B 277 -9.53 16.29 14.68
CA TYR B 277 -8.25 16.68 15.31
C TYR B 277 -7.18 15.70 14.81
N GLU B 278 -6.06 16.25 14.33
CA GLU B 278 -4.88 15.49 13.93
C GLU B 278 -3.86 15.67 15.04
N VAL B 279 -3.39 14.53 15.53
CA VAL B 279 -2.50 14.38 16.70
C VAL B 279 -1.20 13.75 16.22
N VAL B 280 -0.08 14.16 16.80
CA VAL B 280 1.21 13.41 16.70
C VAL B 280 1.43 12.74 18.07
N PHE B 281 1.44 11.42 18.10
CA PHE B 281 1.81 10.67 19.33
C PHE B 281 3.23 10.14 19.13
N ASP B 282 4.09 10.35 20.13
CA ASP B 282 5.49 9.83 20.11
C ASP B 282 5.55 8.53 20.92
N PHE B 283 5.70 7.36 20.30
CA PHE B 283 5.77 6.09 21.05
C PHE B 283 7.20 5.79 21.53
N SER B 284 8.20 6.65 21.28
CA SER B 284 9.62 6.28 21.51
C SER B 284 9.91 5.97 23.00
N ASP B 285 9.30 6.65 23.98
CA ASP B 285 9.47 6.34 25.42
C ASP B 285 8.73 5.06 25.84
N TYR B 286 8.01 4.40 24.94
CA TYR B 286 7.15 3.25 25.29
C TYR B 286 7.50 2.02 24.44
N ALA B 287 8.76 1.89 24.01
CA ALA B 287 9.25 0.68 23.31
C ALA B 287 8.96 -0.56 24.17
N GLY B 288 8.39 -1.61 23.58
CA GLY B 288 8.12 -2.85 24.31
C GLY B 288 6.87 -2.79 25.15
N LYS B 289 6.10 -1.70 25.14
CA LYS B 289 4.85 -1.58 25.96
C LYS B 289 3.60 -1.68 25.07
N THR B 290 2.43 -1.83 25.68
CA THR B 290 1.12 -1.65 25.01
C THR B 290 0.51 -0.31 25.50
N ILE B 291 0.18 0.57 24.55
CA ILE B 291 -0.51 1.85 24.81
C ILE B 291 -1.97 1.67 24.37
N GLU B 292 -2.88 1.82 25.32
CA GLU B 292 -4.33 1.78 25.04
C GLU B 292 -4.84 3.21 24.80
N LEU B 293 -5.59 3.39 23.74
CA LEU B 293 -6.36 4.63 23.51
C LEU B 293 -7.67 4.46 24.27
N ARG B 294 -7.94 5.36 25.22
CA ARG B 294 -9.11 5.24 26.12
CA ARG B 294 -9.07 5.28 26.18
C ARG B 294 -9.97 6.50 26.03
N ASN B 295 -11.14 6.40 26.63
CA ASN B 295 -12.22 7.40 26.55
C ASN B 295 -12.67 7.70 27.97
N LEU B 296 -12.76 8.97 28.30
CA LEU B 296 -13.09 9.47 29.65
C LEU B 296 -14.55 9.07 29.96
N GLY B 297 -14.79 8.55 31.17
CA GLY B 297 -16.16 8.20 31.64
C GLY B 297 -16.83 9.38 32.31
N GLY B 298 -17.96 9.14 32.97
CA GLY B 298 -18.74 10.18 33.66
C GLY B 298 -19.30 11.20 32.70
N SER B 299 -19.79 10.73 31.55
CA SER B 299 -20.30 11.55 30.42
C SER B 299 -19.24 12.60 30.02
N ILE B 300 -18.11 12.08 29.53
CA ILE B 300 -16.92 12.86 29.10
C ILE B 300 -16.60 13.87 30.22
N GLY B 301 -16.32 13.36 31.43
CA GLY B 301 -15.81 14.15 32.57
C GLY B 301 -16.74 15.28 32.93
N GLY B 302 -18.05 15.07 32.88
CA GLY B 302 -19.05 16.10 33.24
C GLY B 302 -19.37 17.10 32.12
N ILE B 303 -18.71 17.01 30.96
CA ILE B 303 -18.97 17.94 29.82
C ILE B 303 -20.25 17.46 29.13
N GLY B 304 -20.39 16.15 28.93
CA GLY B 304 -21.51 15.53 28.21
C GLY B 304 -22.65 15.00 29.07
N THR B 305 -23.55 14.24 28.44
CA THR B 305 -24.67 13.51 29.06
C THR B 305 -24.66 12.07 28.54
N ASP B 306 -23.69 11.69 27.72
CA ASP B 306 -23.66 10.35 27.08
C ASP B 306 -23.75 9.24 28.14
N THR B 307 -24.46 8.15 27.82
CA THR B 307 -24.39 6.91 28.64
C THR B 307 -23.03 6.24 28.45
N ASP B 308 -22.44 5.79 29.54
CA ASP B 308 -21.17 5.03 29.58
C ASP B 308 -21.52 3.58 29.86
N TYR B 309 -20.92 2.66 29.08
CA TYR B 309 -21.11 1.19 29.20
C TYR B 309 -19.79 0.55 29.67
N ASP B 310 -19.82 -0.76 29.90
CA ASP B 310 -18.69 -1.51 30.49
C ASP B 310 -17.41 -1.31 29.67
N ASN B 311 -17.52 -1.18 28.34
CA ASN B 311 -16.30 -1.12 27.47
C ASN B 311 -16.17 0.17 26.64
N THR B 312 -16.99 1.20 26.84
CA THR B 312 -16.90 2.49 26.08
C THR B 312 -15.73 3.35 26.59
N ASP B 313 -15.07 2.94 27.67
CA ASP B 313 -13.77 3.49 28.15
C ASP B 313 -12.61 3.02 27.25
N LYS B 314 -12.83 2.04 26.38
CA LYS B 314 -11.75 1.42 25.56
C LYS B 314 -11.95 1.83 24.11
N VAL B 315 -10.88 2.24 23.44
CA VAL B 315 -10.95 2.57 21.98
C VAL B 315 -10.13 1.54 21.21
N MET B 316 -8.82 1.49 21.39
CA MET B 316 -7.97 0.48 20.69
C MET B 316 -6.64 0.39 21.41
N ARG B 317 -5.82 -0.58 21.03
CA ARG B 317 -4.47 -0.79 21.62
C ARG B 317 -3.37 -0.69 20.56
N PHE B 318 -2.28 -0.06 20.96
CA PHE B 318 -1.05 0.08 20.16
C PHE B 318 0.00 -0.80 20.80
N VAL B 319 0.50 -1.79 20.07
CA VAL B 319 1.57 -2.69 20.61
C VAL B 319 2.88 -2.14 20.07
N VAL B 320 3.67 -1.57 20.94
CA VAL B 320 4.92 -0.85 20.56
C VAL B 320 6.09 -1.83 20.51
N ALA B 321 6.68 -2.01 19.33
CA ALA B 321 7.93 -2.77 19.03
C ALA B 321 9.10 -2.26 19.89
N ASP B 322 10.17 -3.04 20.03
CA ASP B 322 11.36 -2.67 20.86
C ASP B 322 12.21 -1.64 20.12
N ASP B 323 12.16 -1.64 18.80
CA ASP B 323 13.10 -0.94 17.88
CA ASP B 323 13.04 -0.72 18.03
C ASP B 323 12.29 -0.22 16.80
N THR B 324 12.73 0.95 16.35
CA THR B 324 12.32 1.54 15.07
C THR B 324 13.35 1.10 14.03
N THR B 325 12.87 0.54 12.94
CA THR B 325 13.68 -0.09 11.87
C THR B 325 14.59 0.97 11.25
N GLN B 326 14.06 2.06 10.71
CA GLN B 326 14.91 3.15 10.17
CA GLN B 326 14.83 3.19 10.11
C GLN B 326 14.68 4.39 11.04
N PRO B 327 15.71 5.25 11.22
CA PRO B 327 15.57 6.40 12.11
C PRO B 327 14.36 7.29 11.73
N ASP B 328 13.60 7.68 12.75
CA ASP B 328 12.48 8.65 12.70
C ASP B 328 13.08 10.02 12.39
N THR B 329 12.94 10.51 11.17
CA THR B 329 13.47 11.83 10.78
C THR B 329 12.33 12.85 10.68
N SER B 330 11.09 12.47 11.03
CA SER B 330 9.96 13.42 11.07
C SER B 330 10.15 14.34 12.29
N VAL B 331 9.47 15.49 12.27
CA VAL B 331 9.53 16.53 13.31
C VAL B 331 8.10 17.06 13.53
N VAL B 332 7.89 17.68 14.69
CA VAL B 332 6.70 18.51 14.94
C VAL B 332 7.19 19.94 15.13
N PRO B 333 7.16 20.75 14.05
CA PRO B 333 7.65 22.12 14.11
C PRO B 333 6.86 22.92 15.14
N ALA B 334 7.54 23.80 15.86
CA ALA B 334 6.95 24.74 16.85
C ALA B 334 5.95 25.67 16.16
N ASN B 335 6.21 26.00 14.89
CA ASN B 335 5.39 26.94 14.09
C ASN B 335 4.85 26.19 12.88
N LEU B 336 3.52 26.00 12.80
CA LEU B 336 2.92 25.14 11.75
C LEU B 336 2.50 26.05 10.61
N ARG B 337 1.82 27.18 10.89
CA ARG B 337 1.39 28.11 9.84
C ARG B 337 0.92 29.42 10.43
N ASP B 338 0.62 30.36 9.52
CA ASP B 338 -0.13 31.61 9.80
C ASP B 338 -1.62 31.26 9.62
N VAL B 339 -2.36 31.14 10.70
CA VAL B 339 -3.80 30.78 10.60
C VAL B 339 -4.56 31.98 10.02
N PRO B 340 -5.33 31.81 8.93
CA PRO B 340 -6.08 32.91 8.32
C PRO B 340 -7.36 33.26 9.08
N PHE B 341 -7.21 33.76 10.30
CA PHE B 341 -8.35 34.16 11.17
C PHE B 341 -9.17 35.25 10.47
N PRO B 342 -10.50 35.30 10.69
CA PRO B 342 -11.29 36.38 10.17
C PRO B 342 -10.91 37.67 10.88
N SER B 343 -11.07 38.77 10.16
CA SER B 343 -10.92 40.14 10.69
C SER B 343 -11.98 40.36 11.77
N PRO B 344 -11.58 40.65 13.02
CA PRO B 344 -12.52 40.75 14.12
C PRO B 344 -13.63 41.76 13.84
N THR B 345 -14.87 41.45 14.22
CA THR B 345 -16.03 42.38 14.10
C THR B 345 -16.43 42.87 15.49
N THR B 346 -16.98 44.09 15.55
CA THR B 346 -17.60 44.70 16.75
C THR B 346 -19.13 44.60 16.62
N ASN B 347 -19.64 44.09 15.50
CA ASN B 347 -21.11 43.95 15.33
C ASN B 347 -21.65 42.96 16.39
N THR B 348 -22.82 43.29 16.91
CA THR B 348 -23.53 42.55 17.99
C THR B 348 -23.82 41.14 17.46
N PRO B 349 -23.41 40.07 18.17
CA PRO B 349 -23.58 38.72 17.67
C PRO B 349 -25.04 38.30 17.43
N ARG B 350 -25.30 37.47 16.41
CA ARG B 350 -26.59 36.76 16.30
C ARG B 350 -26.66 35.74 17.43
N GLN B 351 -27.86 35.41 17.89
CA GLN B 351 -28.10 34.43 18.97
C GLN B 351 -28.91 33.25 18.42
N PHE B 352 -28.41 32.04 18.64
CA PHE B 352 -29.09 30.76 18.34
C PHE B 352 -29.13 29.91 19.59
N ARG B 353 -30.34 29.52 19.99
CA ARG B 353 -30.62 28.66 21.17
CA ARG B 353 -30.61 28.65 21.16
C ARG B 353 -30.92 27.25 20.65
N PHE B 354 -30.21 26.27 21.21
CA PHE B 354 -30.27 24.84 20.85
C PHE B 354 -31.02 24.16 22.00
N GLY B 355 -32.33 23.92 21.79
CA GLY B 355 -33.24 23.43 22.84
C GLY B 355 -34.27 22.50 22.25
N ARG B 356 -35.42 22.42 22.89
CA ARG B 356 -36.44 21.40 22.56
C ARG B 356 -37.83 22.06 22.59
N THR B 357 -38.62 21.87 21.54
CA THR B 357 -40.04 22.31 21.46
C THR B 357 -40.85 21.01 21.49
N GLY B 358 -41.38 20.67 22.66
CA GLY B 358 -42.00 19.34 22.90
C GLY B 358 -40.97 18.26 22.66
N PRO B 359 -41.23 17.26 21.79
CA PRO B 359 -40.26 16.19 21.51
C PRO B 359 -39.18 16.55 20.49
N THR B 360 -39.25 17.73 19.90
CA THR B 360 -38.46 18.09 18.69
C THR B 360 -37.31 19.00 19.09
N TRP B 361 -36.11 18.62 18.65
CA TRP B 361 -34.87 19.41 18.83
C TRP B 361 -34.92 20.56 17.84
N THR B 362 -34.72 21.80 18.30
CA THR B 362 -35.02 23.02 17.53
C THR B 362 -33.89 24.03 17.69
N ILE B 363 -33.83 24.94 16.74
CA ILE B 363 -32.97 26.14 16.77
C ILE B 363 -33.90 27.35 16.85
N ASN B 364 -33.80 28.13 17.92
CA ASN B 364 -34.67 29.31 18.16
C ASN B 364 -36.12 28.86 17.99
N GLY B 365 -36.44 27.67 18.45
CA GLY B 365 -37.83 27.18 18.50
C GLY B 365 -38.31 26.69 17.15
N VAL B 366 -37.40 26.56 16.18
CA VAL B 366 -37.75 26.18 14.79
C VAL B 366 -37.11 24.85 14.45
N ALA B 367 -37.84 24.04 13.69
CA ALA B 367 -37.46 22.72 13.13
C ALA B 367 -37.16 22.93 11.65
N PHE B 368 -36.16 22.21 11.12
CA PHE B 368 -35.71 22.39 9.70
C PHE B 368 -36.88 22.15 8.74
N ALA B 369 -37.76 21.19 9.03
CA ALA B 369 -38.95 20.84 8.21
C ALA B 369 -39.90 22.05 8.03
N ASP B 370 -39.88 22.99 8.98
CA ASP B 370 -40.65 24.24 8.91
C ASP B 370 -40.03 25.22 7.91
N VAL B 371 -40.16 24.88 6.65
CA VAL B 371 -39.55 25.66 5.53
C VAL B 371 -39.78 27.17 5.74
N GLN B 372 -40.99 27.56 6.12
CA GLN B 372 -41.38 28.98 6.24
C GLN B 372 -40.50 29.69 7.26
N ASN B 373 -40.04 29.03 8.34
CA ASN B 373 -39.36 29.76 9.44
C ASN B 373 -37.88 29.38 9.54
N ARG B 374 -37.38 28.48 8.72
CA ARG B 374 -36.07 27.86 8.99
C ARG B 374 -34.91 28.74 8.51
N LEU B 375 -35.15 29.72 7.63
CA LEU B 375 -34.05 30.57 7.15
C LEU B 375 -33.80 31.64 8.21
N LEU B 376 -32.81 31.44 9.07
CA LEU B 376 -32.68 32.23 10.32
C LEU B 376 -31.71 33.41 10.17
N ALA B 377 -31.05 33.57 9.02
CA ALA B 377 -30.06 34.65 8.82
C ALA B 377 -29.78 34.87 7.34
N ASN B 378 -29.82 36.12 6.91
CA ASN B 378 -29.30 36.61 5.63
C ASN B 378 -27.98 37.32 5.91
N VAL B 379 -26.89 36.84 5.29
CA VAL B 379 -25.53 37.39 5.51
C VAL B 379 -24.93 37.79 4.17
N PRO B 380 -24.70 39.10 3.95
CA PRO B 380 -24.03 39.53 2.72
C PRO B 380 -22.66 38.84 2.59
N VAL B 381 -22.37 38.32 1.40
CA VAL B 381 -21.08 37.62 1.13
C VAL B 381 -19.96 38.62 1.39
N GLY B 382 -18.96 38.23 2.18
CA GLY B 382 -17.77 39.06 2.49
C GLY B 382 -17.83 39.60 3.89
N THR B 383 -18.98 39.47 4.54
CA THR B 383 -19.30 39.95 5.92
C THR B 383 -18.57 39.05 6.94
N VAL B 384 -18.12 39.62 8.04
CA VAL B 384 -17.69 38.81 9.21
C VAL B 384 -18.79 38.98 10.26
N GLU B 385 -19.24 37.87 10.82
CA GLU B 385 -20.29 37.86 11.87
C GLU B 385 -19.82 37.00 13.04
N ARG B 386 -20.17 37.42 14.25
CA ARG B 386 -20.16 36.54 15.44
C ARG B 386 -21.53 35.89 15.64
N TRP B 387 -21.56 34.58 15.84
CA TRP B 387 -22.79 33.86 16.20
C TRP B 387 -22.58 33.33 17.61
N GLU B 388 -23.52 33.65 18.49
CA GLU B 388 -23.51 33.20 19.91
C GLU B 388 -24.42 31.97 19.94
N LEU B 389 -23.81 30.80 20.19
CA LEU B 389 -24.46 29.47 20.13
C LEU B 389 -24.74 29.02 21.58
N ILE B 390 -26.01 28.97 21.95
CA ILE B 390 -26.47 28.84 23.35
C ILE B 390 -27.10 27.47 23.57
N ASN B 391 -26.56 26.70 24.51
CA ASN B 391 -27.19 25.51 25.12
C ASN B 391 -27.53 25.84 26.56
N ALA B 392 -28.78 26.22 26.83
CA ALA B 392 -29.28 26.48 28.21
C ALA B 392 -29.50 25.16 28.95
N GLY B 393 -29.40 24.03 28.27
CA GLY B 393 -29.75 22.71 28.81
C GLY B 393 -28.61 22.07 29.62
N ASN B 394 -28.98 21.32 30.66
CA ASN B 394 -28.03 20.48 31.43
C ASN B 394 -28.17 19.02 31.02
N THR B 395 -29.19 18.65 30.24
CA THR B 395 -29.49 17.21 29.99
C THR B 395 -29.36 16.92 28.51
N TRP B 396 -28.72 17.82 27.76
CA TRP B 396 -28.29 17.56 26.36
C TRP B 396 -27.04 18.35 26.03
N THR B 397 -26.27 17.89 25.04
CA THR B 397 -25.14 18.64 24.44
C THR B 397 -25.26 18.60 22.92
N HIS B 398 -24.63 19.59 22.27
CA HIS B 398 -24.86 19.95 20.84
C HIS B 398 -23.56 20.43 20.19
N PRO B 399 -22.90 19.57 19.40
CA PRO B 399 -21.83 19.97 18.51
C PRO B 399 -22.41 20.70 17.30
N ILE B 400 -22.26 22.02 17.27
CA ILE B 400 -22.93 22.88 16.27
C ILE B 400 -21.99 23.02 15.07
N HIS B 401 -22.50 22.78 13.88
CA HIS B 401 -21.76 22.83 12.62
C HIS B 401 -22.42 23.89 11.73
N ILE B 402 -21.62 24.79 11.17
CA ILE B 402 -22.05 25.77 10.14
C ILE B 402 -21.39 25.38 8.83
N HIS B 403 -22.19 25.14 7.79
CA HIS B 403 -21.69 24.86 6.43
C HIS B 403 -21.02 26.11 5.88
N LEU B 404 -20.31 25.98 4.74
CA LEU B 404 -19.58 27.04 3.98
C LEU B 404 -18.32 27.45 4.71
N VAL B 405 -18.45 27.93 5.96
CA VAL B 405 -17.39 28.75 6.60
C VAL B 405 -16.40 27.91 7.40
N ASP B 406 -15.25 28.53 7.68
CA ASP B 406 -14.33 28.20 8.79
C ASP B 406 -14.49 29.31 9.83
N PHE B 407 -14.54 28.95 11.10
CA PHE B 407 -14.74 29.94 12.17
C PHE B 407 -13.62 29.83 13.20
N LYS B 408 -13.46 30.92 13.95
CA LYS B 408 -12.59 31.01 15.14
C LYS B 408 -13.49 30.98 16.37
N VAL B 409 -13.13 30.19 17.37
CA VAL B 409 -13.89 30.05 18.64
C VAL B 409 -13.44 31.20 19.52
N ILE B 410 -14.32 32.15 19.77
CA ILE B 410 -13.97 33.40 20.50
C ILE B 410 -14.03 33.14 22.01
N SER B 411 -15.04 32.42 22.48
CA SER B 411 -15.32 32.33 23.94
C SER B 411 -16.16 31.12 24.18
N ARG B 412 -16.06 30.57 25.39
CA ARG B 412 -17.00 29.56 25.90
C ARG B 412 -17.29 29.92 27.37
N THR B 413 -18.57 29.89 27.74
CA THR B 413 -18.99 29.92 29.15
C THR B 413 -19.65 28.58 29.47
N SER B 414 -19.57 28.15 30.72
CA SER B 414 -20.20 26.91 31.21
C SER B 414 -21.00 27.28 32.47
N GLY B 415 -22.29 27.01 32.47
CA GLY B 415 -23.13 27.11 33.67
C GLY B 415 -22.75 26.10 34.76
N ASN B 416 -21.88 25.13 34.46
CA ASN B 416 -21.28 24.22 35.47
C ASN B 416 -19.82 24.64 35.71
N ASN B 417 -19.40 25.82 35.25
CA ASN B 417 -18.02 26.33 35.46
C ASN B 417 -16.98 25.24 35.08
N ALA B 418 -17.22 24.47 34.01
CA ALA B 418 -16.47 23.27 33.62
C ALA B 418 -15.25 23.60 32.75
N ARG B 419 -15.33 24.60 31.89
CA ARG B 419 -14.21 24.92 30.96
C ARG B 419 -14.51 26.22 30.21
N THR B 420 -13.49 26.78 29.59
CA THR B 420 -13.62 27.83 28.56
C THR B 420 -13.13 27.23 27.24
N VAL B 421 -12.42 28.01 26.44
CA VAL B 421 -11.93 27.60 25.11
C VAL B 421 -10.74 26.66 25.34
N MET B 422 -10.65 25.59 24.57
CA MET B 422 -9.58 24.58 24.73
C MET B 422 -8.36 25.03 23.92
N PRO B 423 -7.14 24.59 24.25
CA PRO B 423 -5.96 24.97 23.48
C PRO B 423 -5.99 24.49 22.02
N TYR B 424 -6.64 23.38 21.77
CA TYR B 424 -6.75 22.80 20.41
C TYR B 424 -7.92 23.45 19.66
N GLU B 425 -8.68 24.36 20.28
CA GLU B 425 -9.69 25.22 19.59
C GLU B 425 -9.10 26.59 19.21
N SER B 426 -7.77 26.74 19.20
CA SER B 426 -7.05 28.03 19.01
C SER B 426 -7.04 28.44 17.53
N GLY B 427 -7.31 27.52 16.61
CA GLY B 427 -7.18 27.76 15.16
C GLY B 427 -8.54 27.98 14.53
N LEU B 428 -8.79 27.31 13.40
CA LEU B 428 -10.07 27.44 12.67
C LEU B 428 -10.82 26.09 12.68
N LYS B 429 -12.13 26.17 12.94
CA LYS B 429 -13.02 24.99 13.09
C LYS B 429 -14.32 25.21 12.29
N ASP B 430 -15.10 24.15 12.12
CA ASP B 430 -16.45 24.23 11.48
C ASP B 430 -17.47 23.50 12.35
N VAL B 431 -17.04 22.90 13.47
CA VAL B 431 -17.90 22.29 14.51
C VAL B 431 -17.42 22.77 15.86
N VAL B 432 -18.32 23.07 16.79
CA VAL B 432 -17.90 23.43 18.16
C VAL B 432 -18.89 22.84 19.16
N TRP B 433 -18.37 22.16 20.19
CA TRP B 433 -19.20 21.39 21.15
C TRP B 433 -19.77 22.30 22.25
N LEU B 434 -21.09 22.47 22.22
CA LEU B 434 -21.86 23.05 23.33
C LEU B 434 -22.10 21.94 24.36
N GLY B 435 -21.19 21.83 25.33
CA GLY B 435 -21.36 20.94 26.48
C GLY B 435 -22.49 21.42 27.39
N ARG B 436 -22.67 20.79 28.53
CA ARG B 436 -23.83 21.08 29.40
C ARG B 436 -23.78 22.57 29.74
N ARG B 437 -24.88 23.29 29.54
CA ARG B 437 -25.02 24.70 29.96
C ARG B 437 -23.90 25.58 29.35
N GLU B 438 -23.47 25.26 28.14
CA GLU B 438 -22.36 25.99 27.49
C GLU B 438 -22.91 26.93 26.43
N THR B 439 -22.33 28.12 26.35
CA THR B 439 -22.54 29.13 25.31
C THR B 439 -21.18 29.43 24.67
N VAL B 440 -21.11 29.32 23.34
CA VAL B 440 -19.87 29.56 22.57
C VAL B 440 -20.14 30.70 21.60
N VAL B 441 -19.24 31.68 21.52
CA VAL B 441 -19.24 32.65 20.40
C VAL B 441 -18.20 32.22 19.37
N VAL B 442 -18.62 32.19 18.10
CA VAL B 442 -17.74 31.93 16.94
C VAL B 442 -17.80 33.16 16.04
N GLU B 443 -16.70 33.36 15.32
CA GLU B 443 -16.49 34.45 14.34
C GLU B 443 -16.06 33.83 13.01
N ALA B 444 -16.76 34.18 11.94
CA ALA B 444 -16.57 33.60 10.60
C ALA B 444 -16.70 34.68 9.51
N HIS B 445 -15.87 34.57 8.50
CA HIS B 445 -15.99 35.29 7.20
C HIS B 445 -16.99 34.52 6.34
N TYR B 446 -18.17 35.09 6.08
CA TYR B 446 -19.20 34.47 5.22
C TYR B 446 -18.82 34.72 3.78
N ALA B 447 -17.95 33.85 3.26
CA ALA B 447 -17.24 33.97 1.97
C ALA B 447 -16.71 32.62 1.50
N PRO B 448 -16.39 32.45 0.21
CA PRO B 448 -16.56 33.49 -0.82
C PRO B 448 -17.78 33.39 -1.75
N PHE B 449 -18.67 32.41 -1.52
CA PHE B 449 -19.72 31.98 -2.45
C PHE B 449 -21.09 32.32 -1.88
N PRO B 450 -21.97 32.96 -2.68
CA PRO B 450 -23.36 33.14 -2.29
C PRO B 450 -24.14 31.82 -2.34
N GLY B 451 -25.15 31.70 -1.49
CA GLY B 451 -26.06 30.55 -1.52
C GLY B 451 -26.71 30.26 -0.20
N VAL B 452 -27.65 29.33 -0.23
CA VAL B 452 -28.41 28.90 0.97
C VAL B 452 -27.69 27.67 1.48
N TYR B 453 -27.27 27.72 2.74
CA TYR B 453 -26.42 26.69 3.40
C TYR B 453 -27.06 26.27 4.72
N MET B 454 -26.79 25.04 5.14
CA MET B 454 -27.34 24.56 6.41
C MET B 454 -26.38 24.91 7.58
N PHE B 455 -26.92 24.89 8.80
CA PHE B 455 -26.20 24.86 10.09
C PHE B 455 -27.09 24.07 11.06
N HIS B 456 -26.48 23.37 12.01
CA HIS B 456 -27.21 22.35 12.78
C HIS B 456 -26.34 21.76 13.87
N CYS B 457 -26.99 21.06 14.80
CA CYS B 457 -26.31 20.14 15.73
C CYS B 457 -25.94 18.89 14.93
N HIS B 458 -24.77 18.31 15.19
CA HIS B 458 -24.24 17.15 14.44
C HIS B 458 -24.42 15.88 15.29
N ASN B 459 -25.18 15.94 16.39
CA ASN B 459 -25.81 14.71 16.97
C ASN B 459 -26.88 14.31 15.97
N LEU B 460 -26.66 13.21 15.25
CA LEU B 460 -27.46 12.95 14.01
C LEU B 460 -28.92 12.67 14.41
N ILE B 461 -29.16 12.18 15.64
CA ILE B 461 -30.54 12.07 16.18
C ILE B 461 -31.12 13.50 16.30
N HIS B 462 -30.41 14.44 16.95
CA HIS B 462 -30.91 15.83 17.07
C HIS B 462 -31.16 16.38 15.68
N GLU B 463 -30.20 16.23 14.76
CA GLU B 463 -30.25 16.86 13.43
C GLU B 463 -31.47 16.34 12.67
N ASP B 464 -31.76 15.05 12.80
CA ASP B 464 -32.90 14.43 12.07
C ASP B 464 -34.26 14.87 12.66
N HIS B 465 -34.33 15.23 13.94
CA HIS B 465 -35.59 15.49 14.67
C HIS B 465 -35.44 16.65 15.66
N ASP B 466 -35.13 17.88 15.20
CA ASP B 466 -34.99 18.29 13.81
C ASP B 466 -34.15 19.57 13.85
N MET B 467 -32.98 19.49 14.50
CA MET B 467 -32.24 20.64 15.06
C MET B 467 -31.31 21.17 13.97
N MET B 468 -31.90 21.77 12.96
CA MET B 468 -31.19 22.24 11.77
C MET B 468 -31.91 23.45 11.17
N ALA B 469 -31.15 24.38 10.63
CA ALA B 469 -31.70 25.61 10.04
C ALA B 469 -30.84 25.99 8.83
N ALA B 470 -31.13 27.15 8.24
CA ALA B 470 -30.46 27.61 7.02
C ALA B 470 -30.04 29.08 7.18
N PHE B 471 -29.06 29.47 6.38
CA PHE B 471 -28.69 30.88 6.18
C PHE B 471 -28.50 31.09 4.69
N ASN B 472 -28.65 32.33 4.30
CA ASN B 472 -28.42 32.76 2.91
C ASN B 472 -27.25 33.72 2.94
N ALA B 473 -26.16 33.30 2.28
CA ALA B 473 -25.01 34.15 2.00
C ALA B 473 -25.41 34.94 0.74
N THR B 474 -25.76 36.21 0.88
CA THR B 474 -26.49 36.94 -0.19
C THR B 474 -25.54 37.82 -1.00
N VAL B 475 -25.93 38.11 -2.23
CA VAL B 475 -25.19 39.07 -3.09
C VAL B 475 -26.21 40.01 -3.73
N LEU B 476 -25.74 41.18 -4.12
CA LEU B 476 -26.53 42.14 -4.92
C LEU B 476 -26.68 41.55 -6.32
N PRO B 477 -27.68 42.03 -7.07
CA PRO B 477 -27.98 41.44 -8.38
C PRO B 477 -26.91 41.73 -9.47
N ASP B 478 -26.03 42.70 -9.24
CA ASP B 478 -24.90 43.03 -10.14
C ASP B 478 -23.71 42.04 -9.98
N TYR B 479 -23.73 41.08 -9.06
CA TYR B 479 -22.52 40.33 -8.60
C TYR B 479 -21.90 39.47 -9.71
N GLY B 480 -22.71 38.87 -10.58
CA GLY B 480 -22.24 37.98 -11.65
C GLY B 480 -21.86 36.60 -11.12
N TYR B 481 -20.77 36.03 -11.65
CA TYR B 481 -20.27 34.68 -11.29
C TYR B 481 -21.39 33.62 -11.40
N ASN B 482 -22.36 33.82 -12.29
CA ASN B 482 -23.44 32.84 -12.54
C ASN B 482 -24.16 32.54 -11.23
N ALA B 483 -24.22 33.51 -10.32
CA ALA B 483 -24.82 33.31 -8.98
C ALA B 483 -26.29 32.86 -9.10
N THR B 484 -27.03 33.29 -10.13
CA THR B 484 -28.47 32.94 -10.25
C THR B 484 -28.63 31.43 -10.44
N VAL B 485 -27.65 30.69 -10.93
CA VAL B 485 -27.76 29.21 -11.07
C VAL B 485 -27.00 28.47 -9.95
N PHE B 486 -26.34 29.18 -9.01
CA PHE B 486 -25.56 28.52 -7.92
C PHE B 486 -26.05 28.86 -6.52
N VAL B 487 -26.99 29.78 -6.33
CA VAL B 487 -27.46 30.13 -4.95
C VAL B 487 -28.49 29.14 -4.40
N ASP B 488 -29.22 28.43 -5.28
CA ASP B 488 -30.34 27.53 -4.89
C ASP B 488 -29.86 26.09 -4.91
N PRO B 489 -29.86 25.38 -3.77
CA PRO B 489 -29.29 24.04 -3.75
C PRO B 489 -30.12 23.08 -4.60
N MET B 490 -31.40 23.43 -4.87
CA MET B 490 -32.34 22.53 -5.59
C MET B 490 -32.36 22.86 -7.08
N GLU B 491 -31.49 23.75 -7.54
CA GLU B 491 -31.39 24.13 -8.97
C GLU B 491 -31.45 22.87 -9.85
N GLU B 492 -32.31 22.88 -10.87
CA GLU B 492 -32.59 21.69 -11.74
C GLU B 492 -31.34 21.30 -12.52
N LEU B 493 -30.54 22.24 -13.00
CA LEU B 493 -29.29 21.91 -13.76
C LEU B 493 -28.43 20.88 -12.99
N TRP B 494 -28.43 20.90 -11.66
CA TRP B 494 -27.49 20.10 -10.84
C TRP B 494 -28.19 18.92 -10.18
N GLN B 495 -29.48 18.68 -10.50
CA GLN B 495 -30.26 17.62 -9.80
C GLN B 495 -29.78 16.23 -10.24
N ALA B 496 -30.05 15.23 -9.41
CA ALA B 496 -29.69 13.82 -9.67
C ALA B 496 -30.44 13.39 -10.94
N ARG B 497 -29.99 12.30 -11.55
CA ARG B 497 -30.53 11.83 -12.84
C ARG B 497 -30.69 10.33 -12.78
N PRO B 498 -31.69 9.78 -13.49
CA PRO B 498 -31.83 8.33 -13.57
C PRO B 498 -30.67 7.71 -14.37
N TYR B 499 -30.35 6.45 -14.07
CA TYR B 499 -29.36 5.64 -14.83
C TYR B 499 -29.90 4.22 -14.94
N GLU B 500 -29.36 3.44 -15.88
CA GLU B 500 -29.59 1.99 -16.02
C GLU B 500 -28.34 1.26 -15.55
N LEU B 501 -28.45 0.32 -14.61
CA LEU B 501 -27.29 -0.34 -13.95
C LEU B 501 -26.42 -1.05 -15.00
N GLY B 502 -27.04 -1.45 -16.12
CA GLY B 502 -26.38 -2.00 -17.32
C GLY B 502 -25.28 -1.09 -17.84
N GLU B 503 -25.59 0.19 -18.05
CA GLU B 503 -24.65 1.22 -18.57
C GLU B 503 -23.51 1.50 -17.57
N PHE B 504 -23.80 1.48 -16.26
CA PHE B 504 -22.78 1.74 -15.21
C PHE B 504 -21.75 0.60 -15.31
N GLN B 505 -22.21 -0.65 -15.31
CA GLN B 505 -21.33 -1.86 -15.30
C GLN B 505 -20.50 -1.91 -16.59
N ALA B 506 -21.10 -1.54 -17.72
CA ALA B 506 -20.50 -1.54 -19.07
C ALA B 506 -19.66 -0.27 -19.32
N GLN B 507 -19.79 0.78 -18.49
CA GLN B 507 -19.18 2.12 -18.72
CA GLN B 507 -19.13 2.09 -18.74
C GLN B 507 -19.57 2.58 -20.14
N SER B 508 -20.86 2.52 -20.42
CA SER B 508 -21.44 2.80 -21.75
C SER B 508 -22.56 3.81 -21.58
N GLY B 509 -23.10 4.30 -22.69
CA GLY B 509 -24.15 5.33 -22.66
C GLY B 509 -23.64 6.49 -21.84
N GLN B 510 -24.32 6.83 -20.74
CA GLN B 510 -24.07 8.12 -20.03
C GLN B 510 -22.87 7.95 -19.08
N PHE B 511 -22.28 6.76 -19.07
CA PHE B 511 -21.03 6.43 -18.33
C PHE B 511 -19.87 6.19 -19.29
N SER B 512 -20.03 6.48 -20.59
CA SER B 512 -18.93 6.42 -21.58
C SER B 512 -17.94 7.56 -21.32
N VAL B 513 -16.70 7.38 -21.76
CA VAL B 513 -15.67 8.45 -21.68
C VAL B 513 -16.22 9.70 -22.36
N GLN B 514 -16.88 9.56 -23.51
CA GLN B 514 -17.27 10.74 -24.29
C GLN B 514 -18.35 11.49 -23.52
N ALA B 515 -19.35 10.79 -22.98
CA ALA B 515 -20.53 11.40 -22.31
C ALA B 515 -20.07 12.07 -21.01
N VAL B 516 -19.18 11.42 -20.24
CA VAL B 516 -18.65 12.00 -18.98
C VAL B 516 -17.87 13.28 -19.31
N THR B 517 -17.02 13.22 -20.34
CA THR B 517 -16.15 14.34 -20.80
C THR B 517 -17.08 15.51 -21.16
N GLU B 518 -18.13 15.28 -21.93
CA GLU B 518 -19.07 16.36 -22.34
C GLU B 518 -19.80 16.91 -21.13
N ARG B 519 -20.25 16.04 -20.21
CA ARG B 519 -21.00 16.51 -19.01
C ARG B 519 -20.06 17.45 -18.21
N ILE B 520 -18.84 17.02 -17.91
CA ILE B 520 -17.96 17.76 -16.96
C ILE B 520 -17.54 19.07 -17.64
N GLN B 521 -17.23 19.03 -18.92
CA GLN B 521 -16.86 20.25 -19.65
C GLN B 521 -18.06 21.21 -19.62
N THR B 522 -19.29 20.71 -19.74
CA THR B 522 -20.49 21.59 -19.72
C THR B 522 -20.58 22.23 -18.33
N MET B 523 -20.46 21.41 -17.27
CA MET B 523 -20.53 21.91 -15.87
C MET B 523 -19.40 22.93 -15.69
N ALA B 524 -18.20 22.64 -16.18
CA ALA B 524 -17.02 23.50 -15.95
C ALA B 524 -17.26 24.88 -16.60
N GLU B 525 -17.98 24.97 -17.72
CA GLU B 525 -18.23 26.28 -18.41
C GLU B 525 -18.97 27.27 -17.50
N TYR B 526 -19.72 26.80 -16.49
CA TYR B 526 -20.51 27.64 -15.56
C TYR B 526 -19.56 28.30 -14.55
N ARG B 527 -18.34 27.78 -14.38
CA ARG B 527 -17.28 28.39 -13.56
C ARG B 527 -17.76 28.58 -12.12
N PRO B 528 -18.16 27.46 -11.44
CA PRO B 528 -18.72 27.50 -10.08
C PRO B 528 -17.80 28.01 -8.95
N TYR B 529 -16.48 27.82 -9.09
CA TYR B 529 -15.54 28.17 -8.00
C TYR B 529 -14.63 29.34 -8.40
N ALA B 530 -14.86 29.95 -9.57
CA ALA B 530 -14.01 31.05 -10.07
C ALA B 530 -13.84 32.15 -9.02
N ALA B 531 -14.80 32.36 -8.11
CA ALA B 531 -14.72 33.49 -7.16
C ALA B 531 -13.70 33.18 -6.05
N ALA B 532 -13.21 31.94 -5.97
CA ALA B 532 -12.14 31.54 -5.02
C ALA B 532 -10.75 31.54 -5.69
N ASP B 533 -10.63 31.92 -6.96
CA ASP B 533 -9.32 31.99 -7.68
C ASP B 533 -8.43 33.04 -7.00
N GLU B 534 -7.12 32.79 -6.98
CA GLU B 534 -6.07 33.71 -6.45
C GLU B 534 -6.12 35.02 -7.24
C1 NAG C . 38.23 -25.74 -0.25
C2 NAG C . 38.39 -27.08 0.36
C3 NAG C . 38.72 -27.04 1.82
C4 NAG C . 39.87 -26.09 2.03
C5 NAG C . 39.57 -24.73 1.40
C6 NAG C . 40.74 -23.78 1.56
C7 NAG C . 37.19 -28.87 -0.46
C8 NAG C . 36.00 -29.74 -0.39
N2 NAG C . 37.18 -27.77 0.24
O3 NAG C . 39.09 -28.36 2.19
O4 NAG C . 40.00 -26.05 3.45
O5 NAG C . 39.32 -24.89 0.02
O6 NAG C . 40.34 -22.49 1.09
O7 NAG C . 38.17 -29.14 -1.08
C1 NAG C . 41.33 -26.29 3.89
C2 NAG C . 41.52 -25.63 5.24
C3 NAG C . 42.82 -25.97 5.97
C4 NAG C . 43.11 -27.47 5.85
C5 NAG C . 42.88 -27.91 4.41
C6 NAG C . 43.22 -29.37 4.19
C7 NAG C . 40.52 -23.49 5.59
C8 NAG C . 40.64 -22.01 5.44
N2 NAG C . 41.53 -24.20 5.09
O3 NAG C . 42.74 -25.49 7.35
O4 NAG C . 44.47 -27.75 6.22
O5 NAG C . 41.50 -27.69 4.08
O6 NAG C . 42.20 -30.09 4.84
O7 NAG C . 39.54 -24.01 6.14
C1 BMA C . 44.50 -28.75 7.27
C2 BMA C . 45.81 -29.47 7.09
C3 BMA C . 46.03 -30.55 8.17
C4 BMA C . 45.64 -30.06 9.58
C5 BMA C . 44.35 -29.22 9.63
C6 BMA C . 44.07 -28.55 10.98
O2 BMA C . 46.85 -28.48 7.11
O3 BMA C . 47.40 -31.01 8.08
O4 BMA C . 45.46 -31.21 10.40
O5 BMA C . 44.41 -28.22 8.61
O6 BMA C . 44.95 -27.47 11.33
C1 MAN C . 47.53 -31.98 7.01
C2 MAN C . 47.87 -33.32 7.66
C3 MAN C . 49.36 -33.48 7.96
C4 MAN C . 50.33 -32.71 7.04
C5 MAN C . 49.78 -31.43 6.38
C6 MAN C . 50.62 -31.02 5.16
O2 MAN C . 47.38 -34.40 6.84
O3 MAN C . 49.66 -34.89 7.92
O4 MAN C . 51.48 -32.29 7.80
O5 MAN C . 48.42 -31.63 5.95
O6 MAN C . 50.88 -29.61 5.17
C1 NAG D . 36.37 -15.05 14.74
C2 NAG D . 36.72 -13.61 15.07
C3 NAG D . 36.94 -13.39 16.57
C4 NAG D . 35.80 -14.04 17.38
C5 NAG D . 35.51 -15.48 16.92
C6 NAG D . 34.37 -16.16 17.66
C7 NAG D . 37.83 -12.60 13.13
C8 NAG D . 39.17 -12.33 12.58
N2 NAG D . 37.87 -13.27 14.29
O3 NAG D . 37.01 -12.02 16.90
O4 NAG D . 36.22 -14.07 18.74
O5 NAG D . 35.25 -15.51 15.51
O6 NAG D . 33.15 -15.43 17.52
O7 NAG D . 36.77 -12.25 12.58
C1 NAG D . 35.30 -13.45 19.63
C2 NAG D . 35.49 -14.09 21.02
C3 NAG D . 34.65 -13.38 22.07
C4 NAG D . 35.09 -11.94 22.22
C5 NAG D . 35.06 -11.27 20.85
C6 NAG D . 35.82 -9.93 20.98
C7 NAG D . 36.34 -16.31 21.35
C8 NAG D . 36.24 -17.63 22.06
N2 NAG D . 35.27 -15.52 21.27
O3 NAG D . 34.95 -14.13 23.24
O4 NAG D . 34.27 -11.25 23.15
O5 NAG D . 35.58 -12.06 19.72
O6 NAG D . 37.22 -10.07 21.29
O7 NAG D . 37.43 -15.95 20.90
C1 NAG E . -30.92 34.00 -1.20
C2 NAG E . -32.36 33.99 -1.63
C3 NAG E . -32.51 34.27 -3.14
C4 NAG E . -31.78 35.52 -3.51
C5 NAG E . -30.32 35.38 -3.06
C6 NAG E . -29.39 36.54 -3.43
C7 NAG E . -33.82 32.46 -0.45
C8 NAG E . -34.28 31.04 -0.33
N2 NAG E . -32.86 32.68 -1.35
O3 NAG E . -33.90 34.34 -3.55
O4 NAG E . -31.82 35.48 -4.91
O5 NAG E . -30.31 35.20 -1.64
O6 NAG E . -28.02 36.13 -3.26
O7 NAG E . -34.31 33.36 0.20
C1 NAG E . -32.20 36.74 -5.44
C2 NAG E . -31.86 36.77 -6.91
C3 NAG E . -32.36 38.04 -7.59
C4 NAG E . -33.84 38.32 -7.28
C5 NAG E . -34.07 38.18 -5.75
C6 NAG E . -35.53 38.20 -5.29
C7 NAG E . -29.77 35.62 -7.51
C8 NAG E . -28.28 35.79 -7.57
N2 NAG E . -30.42 36.70 -7.06
O3 NAG E . -32.06 37.96 -9.00
O4 NAG E . -34.24 39.63 -7.81
O5 NAG E . -33.59 36.92 -5.29
O6 NAG E . -36.12 36.97 -5.78
O7 NAG E . -30.31 34.57 -7.82
C1 BMA E . -35.31 39.49 -8.78
C2 BMA E . -36.29 40.66 -8.71
C3 BMA E . -37.57 40.31 -9.53
C4 BMA E . -37.19 39.83 -10.94
C5 BMA E . -35.98 38.86 -10.98
C6 BMA E . -35.50 38.55 -12.42
O2 BMA E . -35.64 41.82 -9.21
O3 BMA E . -38.57 41.39 -9.54
O4 BMA E . -38.36 39.16 -11.45
O5 BMA E . -34.90 39.35 -10.15
O6 BMA E . -34.78 39.64 -13.04
C1 NAG F . -22.00 31.19 -16.79
C2 NAG F . -20.67 31.65 -17.37
C3 NAG F . -20.78 31.75 -18.87
C4 NAG F . -21.23 30.42 -19.45
C5 NAG F . -22.54 29.95 -18.79
C6 NAG F . -23.03 28.58 -19.33
C7 NAG F . -19.81 33.20 -15.77
C8 NAG F . -19.76 34.67 -15.41
N2 NAG F . -20.42 32.97 -16.89
O3 NAG F . -19.52 32.12 -19.40
O4 NAG F . -21.37 30.63 -20.85
O5 NAG F . -22.45 29.94 -17.35
O6 NAG F . -22.20 27.45 -18.99
O7 NAG F . -19.37 32.29 -15.07
C1 NAG F . -20.72 29.72 -21.72
C2 NAG F . -21.44 29.70 -23.07
C3 NAG F . -20.68 28.86 -24.10
C4 NAG F . -19.28 29.37 -24.27
C5 NAG F . -18.69 29.27 -22.85
C6 NAG F . -17.23 29.65 -22.83
C7 NAG F . -23.88 29.99 -22.97
C8 NAG F . -25.16 29.19 -23.00
N2 NAG F . -22.80 29.20 -23.01
O3 NAG F . -21.29 28.99 -25.36
O4 NAG F . -18.65 28.58 -25.31
O5 NAG F . -19.42 30.17 -21.98
O6 NAG F . -17.12 31.01 -23.29
O7 NAG F . -23.86 31.23 -22.93
CU CU G . 20.06 -26.53 -18.95
CU CU H . 22.18 -21.84 -7.59
CU CU I . 18.79 -18.53 -8.65
CU CU J . 22.51 -17.92 -7.34
O1 OXY K . 20.08 -20.55 -7.85
O2 OXY K . 20.92 -19.95 -8.28
C1 GOL L . 5.94 -34.41 -16.72
O1 GOL L . 5.72 -33.34 -17.65
C2 GOL L . 5.14 -34.17 -15.45
O2 GOL L . 5.30 -35.32 -14.62
C3 GOL L . 3.68 -33.88 -15.73
O3 GOL L . 2.84 -34.09 -14.60
C1 GOL M . 11.34 -26.48 -30.23
O1 GOL M . 12.06 -25.92 -31.32
C2 GOL M . 9.94 -26.98 -30.59
O2 GOL M . 9.26 -26.02 -31.39
C3 GOL M . 9.11 -27.35 -29.37
O3 GOL M . 7.83 -27.91 -29.67
C1 SIN N . 32.72 -5.98 9.77
O1 SIN N . 32.49 -5.55 8.61
O2 SIN N . 33.85 -6.03 10.28
C2 SIN N . 31.58 -6.44 10.65
C3 SIN N . 30.43 -7.08 9.93
C4 SIN N . 30.72 -8.46 9.40
O3 SIN N . 29.79 -9.05 8.80
O4 SIN N . 31.88 -8.92 9.54
C1 SIN O . 6.90 -18.95 -8.09
O1 SIN O . 6.55 -19.73 -9.09
O2 SIN O . 7.63 -19.36 -7.17
C2 SIN O . 6.43 -17.50 -7.92
C3 SIN O . 5.29 -16.89 -8.83
C4 SIN O . 4.04 -17.74 -9.08
O3 SIN O . 3.39 -18.20 -8.11
O4 SIN O . 3.68 -17.90 -10.26
C1 GOL P . -1.61 4.49 -11.61
O1 GOL P . -2.46 4.28 -12.73
C2 GOL P . -0.18 3.96 -11.73
O2 GOL P . -0.09 2.88 -12.66
C3 GOL P . 0.45 3.60 -10.39
O3 GOL P . 0.91 2.24 -10.26
C1 GOL Q . 44.22 -16.75 -2.03
O1 GOL Q . 45.07 -17.90 -2.01
C2 GOL Q . 44.89 -15.55 -1.37
O2 GOL Q . 44.00 -14.43 -1.20
C3 GOL Q . 45.56 -15.89 -0.05
O3 GOL Q . 44.92 -16.97 0.64
C1 GOL R . -8.85 -5.18 -19.86
O1 GOL R . -7.47 -5.44 -20.10
C2 GOL R . -9.07 -4.39 -18.59
O2 GOL R . -9.65 -3.12 -18.91
C3 GOL R . -9.95 -5.12 -17.58
O3 GOL R . -11.33 -4.98 -17.89
C1 SIN S . 32.92 -28.69 1.23
O1 SIN S . 32.27 -27.77 1.65
O2 SIN S . 34.16 -28.78 1.39
C2 SIN S . 32.17 -29.74 0.46
C3 SIN S . 32.31 -29.64 -1.02
C4 SIN S . 31.58 -30.74 -1.74
O3 SIN S . 30.65 -31.24 -1.13
O4 SIN S . 31.94 -31.06 -2.91
C1 GOL T . -5.33 6.17 -14.65
O1 GOL T . -4.28 5.18 -14.51
C2 GOL T . -5.73 6.88 -13.37
O2 GOL T . -4.62 7.54 -12.75
C3 GOL T . -6.84 7.91 -13.54
O3 GOL T . -6.89 8.48 -14.84
CU CU U . -27.86 18.36 19.60
CU CU V . -24.64 19.50 7.60
CU CU W . -20.82 16.57 8.73
CU CU X . -20.85 20.15 6.87
O1 OXY Y . -23.22 17.84 8.48
O2 OXY Y . -22.44 18.28 7.78
C1 GOL Z . -18.02 37.84 -12.48
O1 GOL Z . -19.00 37.45 -13.43
C2 GOL Z . -17.02 38.79 -13.07
O2 GOL Z . -17.52 39.36 -14.30
C3 GOL Z . -16.59 39.89 -12.11
O3 GOL Z . -15.20 40.19 -12.23
C1 GOL AA . -30.27 2.67 22.70
O1 GOL AA . -30.18 1.29 23.05
C2 GOL AA . -29.01 3.43 23.09
O2 GOL AA . -29.23 4.84 22.98
C3 GOL AA . -27.80 3.06 22.24
O3 GOL AA . -26.71 2.55 23.01
C1 SIN BA . -11.73 28.78 -13.22
O1 SIN BA . -11.39 29.04 -12.03
O2 SIN BA . -11.57 29.58 -14.17
C2 SIN BA . -12.34 27.42 -13.52
C3 SIN BA . -12.77 26.64 -12.28
C4 SIN BA . -14.09 27.08 -11.68
O3 SIN BA . -14.67 26.31 -10.88
O4 SIN BA . -14.56 28.18 -12.02
C1 SIN CA . -18.21 2.17 10.72
O1 SIN CA . -18.81 1.47 9.85
O2 SIN CA . -18.16 1.85 11.93
C2 SIN CA . -17.49 3.47 10.32
C3 SIN CA . -18.16 4.38 9.28
C4 SIN CA . -19.61 4.82 9.50
O3 SIN CA . -20.24 4.57 10.58
O4 SIN CA . -20.12 5.42 8.55
C1 GOL DA . -22.34 41.83 -1.03
O1 GOL DA . -23.77 41.74 -1.01
C2 GOL DA . -21.68 40.92 -2.05
O2 GOL DA . -20.30 41.24 -2.28
C3 GOL DA . -22.40 40.89 -3.38
O3 GOL DA . -23.00 42.13 -3.72
C1 SIN EA . -7.70 28.82 -11.96
O1 SIN EA . -8.02 28.97 -13.19
O2 SIN EA . -7.33 29.73 -11.17
C2 SIN EA . -7.72 27.43 -11.37
C3 SIN EA . -6.41 27.06 -10.74
C4 SIN EA . -6.49 26.20 -9.51
O3 SIN EA . -7.61 25.76 -9.12
O4 SIN EA . -5.40 25.97 -8.93
C1 GOL FA . -1.47 27.82 19.03
O1 GOL FA . -1.39 29.08 19.69
C2 GOL FA . -2.18 26.76 19.87
O2 GOL FA . -2.09 25.52 19.18
C3 GOL FA . -1.61 26.57 21.26
O3 GOL FA . -2.67 26.30 22.18
CL CL GA . -34.80 27.12 1.24
CL CL HA . -31.22 38.27 8.79
CL CL IA . -4.90 18.10 28.33
CL CL JA . 11.09 9.00 9.08
#